data_2Z1Z
#
_entry.id   2Z1Z
#
_cell.length_a   102.587
_cell.length_b   102.587
_cell.length_c   172.939
_cell.angle_alpha   90.00
_cell.angle_beta   90.00
_cell.angle_gamma   120.00
#
_symmetry.space_group_name_H-M   'P 32 2 1'
#
loop_
_entity.id
_entity.type
_entity.pdbx_description
1 polymer 'LL-diaminopimelate aminotransferase'
2 non-polymer D-MALATE
3 non-polymer "PYRIDOXAL-5'-PHOSPHATE"
4 water water
#
_entity_poly.entity_id   1
_entity_poly.type   'polypeptide(L)'
_entity_poly.pdbx_seq_one_letter_code
;MAKRVNTCKCVATPQEKIEYKTKVSRNSNMSKLQAGYLFPEIARRRSAHLLKYPDAQVISLGIGDTTEPIPEVITSAMAK
KAHELSTIEGYSGYGAEQGAKPLRAAIAKTFYGGLGIGDDDVFVSDGAKCDISRLQVMFGSNVTIAVQDPSYPAYVDSSV
IMGQTGQFNTDVQKYGNIEYMRCTPENGFFPDLSTVGRTDIIFFCSPNNPTGAAATREQLTQLVEFAKKNGSIIVYDSAY
AMYMSDDNPRSIFEIPGAEEVAMETASFSKYAGFTGVRLGWTVIPKKLLYSDGFPVAKDFNRIICTCFNGASNISQAGAL
ACLTPEGLEAMHKVIGFYKENTNIIIDTFTSLGYDVYGGKNAPYVWVHFPNQSSWDVFAEILEKTHVVTTPGSGFGPGGE
GFVRVSAFGHRENILEACRRFKQLYKHHHHHH
;
_entity_poly.pdbx_strand_id   A,B
#
loop_
_chem_comp.id
_chem_comp.type
_chem_comp.name
_chem_comp.formula
MLT non-polymer D-MALATE 'C4 H6 O5'
PLP non-polymer PYRIDOXAL-5'-PHOSPHATE 'C8 H10 N O6 P'
#
# COMPACT_ATOMS: atom_id res chain seq x y z
N GLU A 19 -7.54 -30.02 -16.75
CA GLU A 19 -6.72 -29.15 -15.82
C GLU A 19 -6.14 -27.90 -16.58
N TYR A 20 -6.84 -26.78 -16.52
CA TYR A 20 -6.53 -25.69 -17.37
C TYR A 20 -5.47 -24.71 -16.76
N LYS A 21 -4.65 -24.12 -17.64
CA LYS A 21 -3.61 -23.20 -17.30
C LYS A 21 -3.67 -22.09 -18.33
N THR A 22 -3.43 -20.84 -17.94
CA THR A 22 -3.31 -19.73 -18.84
C THR A 22 -1.93 -19.80 -19.53
N LYS A 23 -1.71 -18.84 -20.46
CA LYS A 23 -0.47 -18.73 -21.21
C LYS A 23 0.41 -17.61 -20.67
N VAL A 24 0.07 -17.08 -19.49
CA VAL A 24 0.94 -16.08 -18.92
C VAL A 24 2.00 -16.70 -18.05
N SER A 25 3.27 -16.28 -18.31
CA SER A 25 4.44 -16.89 -17.63
C SER A 25 4.54 -16.30 -16.23
N ARG A 26 4.85 -17.12 -15.22
CA ARG A 26 5.03 -16.59 -13.89
C ARG A 26 6.05 -15.44 -13.99
N ASN A 27 5.96 -14.42 -13.15
CA ASN A 27 7.06 -13.40 -13.08
C ASN A 27 8.32 -14.15 -12.64
N SER A 28 9.36 -14.05 -13.48
CA SER A 28 10.60 -14.80 -13.13
C SER A 28 11.31 -14.30 -11.86
N ASN A 29 10.97 -13.12 -11.37
CA ASN A 29 11.53 -12.65 -10.10
C ASN A 29 10.93 -13.30 -8.88
N MET A 30 9.66 -13.72 -8.99
CA MET A 30 8.96 -14.54 -7.99
C MET A 30 9.58 -15.88 -7.76
N SER A 31 10.02 -16.53 -8.84
CA SER A 31 10.73 -17.82 -8.79
C SER A 31 12.09 -17.79 -8.15
N LYS A 32 12.83 -16.68 -8.31
CA LYS A 32 14.12 -16.43 -7.60
C LYS A 32 14.00 -16.55 -6.12
N LEU A 33 12.91 -16.05 -5.54
CA LEU A 33 12.72 -16.08 -4.09
C LEU A 33 12.98 -17.49 -3.53
N GLN A 34 13.93 -17.61 -2.63
CA GLN A 34 14.33 -18.90 -2.11
C GLN A 34 13.19 -19.67 -1.42
N ALA A 35 12.46 -18.98 -0.52
CA ALA A 35 11.59 -19.68 0.39
C ALA A 35 10.52 -18.64 0.53
N GLY A 36 9.50 -18.84 1.39
CA GLY A 36 8.52 -17.80 1.78
C GLY A 36 9.15 -16.72 2.67
N TYR A 37 8.49 -15.55 2.76
CA TYR A 37 8.86 -14.46 3.74
C TYR A 37 9.11 -14.93 5.20
N LEU A 38 10.21 -14.50 5.81
CA LEU A 38 10.62 -15.01 7.14
C LEU A 38 9.45 -15.15 8.15
N PHE A 39 8.73 -14.05 8.35
CA PHE A 39 7.72 -13.98 9.41
C PHE A 39 6.48 -14.92 9.23
N PRO A 40 5.77 -14.83 8.09
CA PRO A 40 4.71 -15.85 7.98
C PRO A 40 5.18 -17.31 8.17
N GLU A 41 6.30 -17.73 7.55
CA GLU A 41 7.03 -18.97 7.90
C GLU A 41 7.31 -19.30 9.39
N ILE A 42 7.79 -18.34 10.18
CA ILE A 42 7.91 -18.51 11.63
C ILE A 42 6.50 -18.81 12.18
N ALA A 43 5.52 -17.98 11.83
CA ALA A 43 4.14 -18.18 12.32
C ALA A 43 3.55 -19.51 11.88
N ARG A 44 3.94 -19.94 10.70
CA ARG A 44 3.63 -21.26 10.20
C ARG A 44 4.21 -22.31 11.17
N ARG A 45 5.52 -22.25 11.41
CA ARG A 45 6.21 -23.21 12.28
C ARG A 45 5.55 -23.30 13.70
N ARG A 46 4.93 -22.20 14.11
CA ARG A 46 4.29 -22.15 15.42
C ARG A 46 2.80 -22.56 15.50
N SER A 47 2.10 -22.40 14.37
CA SER A 47 0.76 -22.95 14.15
C SER A 47 0.82 -24.43 14.20
N ALA A 48 1.96 -24.93 13.74
CA ALA A 48 2.25 -26.37 13.72
C ALA A 48 2.51 -26.85 15.14
N HIS A 49 3.27 -26.08 15.91
CA HIS A 49 3.57 -26.52 17.25
C HIS A 49 2.27 -26.56 18.15
N LEU A 50 1.29 -25.71 17.85
CA LEU A 50 0.07 -25.67 18.58
C LEU A 50 -0.96 -26.68 18.03
N LEU A 51 -0.69 -27.19 16.84
CA LEU A 51 -1.30 -28.44 16.40
C LEU A 51 -0.77 -29.63 17.20
N LYS A 52 0.54 -29.81 17.27
CA LYS A 52 1.14 -30.90 18.03
C LYS A 52 0.80 -30.76 19.52
N TYR A 53 0.71 -29.54 20.03
CA TYR A 53 0.45 -29.33 21.47
C TYR A 53 -0.68 -28.34 21.73
N PRO A 54 -1.95 -28.77 21.55
CA PRO A 54 -2.99 -27.71 21.58
C PRO A 54 -3.00 -26.90 22.89
N ASP A 55 -2.51 -27.46 23.99
CA ASP A 55 -2.61 -26.77 25.28
C ASP A 55 -1.37 -25.96 25.76
N ALA A 56 -0.30 -25.93 24.95
CA ALA A 56 0.99 -25.28 25.26
C ALA A 56 0.70 -23.82 25.49
N GLN A 57 1.28 -23.23 26.52
CA GLN A 57 1.06 -21.78 26.71
C GLN A 57 2.20 -21.12 25.94
N VAL A 58 1.92 -20.75 24.68
CA VAL A 58 3.00 -20.29 23.78
C VAL A 58 3.34 -18.82 24.07
N ILE A 59 4.62 -18.48 24.28
CA ILE A 59 4.98 -17.10 24.44
C ILE A 59 5.72 -16.65 23.18
N SER A 60 5.16 -15.65 22.50
CA SER A 60 5.77 -15.19 21.24
C SER A 60 6.68 -13.95 21.33
N LEU A 61 8.00 -14.13 21.19
CA LEU A 61 9.05 -13.07 21.22
C LEU A 61 9.82 -13.20 19.93
N GLY A 62 9.04 -13.50 18.89
CA GLY A 62 9.50 -13.85 17.54
C GLY A 62 9.31 -12.59 16.76
N ILE A 63 8.07 -12.28 16.44
CA ILE A 63 7.83 -11.12 15.67
C ILE A 63 7.82 -9.93 16.65
N GLY A 64 8.53 -8.86 16.24
CA GLY A 64 8.54 -7.58 16.97
C GLY A 64 7.18 -6.91 16.95
N ASP A 65 6.20 -7.62 17.52
CA ASP A 65 4.84 -7.15 17.50
C ASP A 65 4.43 -6.54 18.83
N THR A 66 4.36 -5.19 18.92
CA THR A 66 4.00 -4.48 20.16
C THR A 66 2.81 -5.20 20.91
N THR A 67 2.85 -5.23 22.25
CA THR A 67 1.80 -5.94 23.02
C THR A 67 0.99 -5.06 23.99
N GLU A 68 1.40 -3.82 24.21
CA GLU A 68 0.64 -3.03 25.12
C GLU A 68 -0.53 -2.28 24.43
N PRO A 69 -1.60 -1.98 25.18
CA PRO A 69 -2.59 -1.10 24.62
C PRO A 69 -1.88 0.15 24.04
N ILE A 70 -2.42 0.71 22.97
CA ILE A 70 -2.17 2.06 22.59
C ILE A 70 -2.70 3.00 23.70
N PRO A 71 -1.89 4.00 24.13
CA PRO A 71 -2.33 4.98 25.12
C PRO A 71 -3.69 5.65 24.83
N GLU A 72 -4.56 5.77 25.84
CA GLU A 72 -5.86 6.36 25.61
C GLU A 72 -5.91 7.74 24.87
N VAL A 73 -4.82 8.51 24.93
CA VAL A 73 -4.73 9.82 24.26
C VAL A 73 -4.74 9.63 22.74
N ILE A 74 -4.16 8.55 22.27
CA ILE A 74 -4.14 8.25 20.85
C ILE A 74 -5.47 7.65 20.40
N THR A 75 -5.97 6.65 21.13
CA THR A 75 -7.20 5.99 20.79
C THR A 75 -8.42 6.87 20.79
N SER A 76 -8.49 7.88 21.71
CA SER A 76 -9.59 8.92 21.71
C SER A 76 -9.59 9.76 20.48
N ALA A 77 -8.39 10.16 20.05
CA ALA A 77 -8.23 10.94 18.81
C ALA A 77 -8.81 10.21 17.61
N MET A 78 -8.43 8.96 17.51
CA MET A 78 -8.93 8.02 16.51
C MET A 78 -10.45 7.85 16.61
N ALA A 79 -10.98 7.57 17.83
CA ALA A 79 -12.41 7.38 18.05
C ALA A 79 -13.18 8.63 17.70
N LYS A 80 -12.63 9.78 18.03
CA LYS A 80 -13.31 11.03 17.74
C LYS A 80 -13.27 11.30 16.25
N LYS A 81 -12.17 10.97 15.60
CA LYS A 81 -12.12 11.06 14.15
C LYS A 81 -13.18 10.13 13.49
N ALA A 82 -13.26 8.87 13.92
CA ALA A 82 -14.34 8.00 13.47
C ALA A 82 -15.74 8.63 13.69
N HIS A 83 -16.10 9.05 14.89
CA HIS A 83 -17.39 9.75 15.06
C HIS A 83 -17.65 10.89 14.07
N GLU A 84 -16.62 11.69 13.79
CA GLU A 84 -16.76 12.91 12.99
C GLU A 84 -16.97 12.60 11.53
N LEU A 85 -16.62 11.41 11.12
CA LEU A 85 -16.94 10.95 9.76
C LEU A 85 -18.47 10.71 9.52
N SER A 86 -19.26 10.69 10.59
CA SER A 86 -20.67 10.45 10.45
C SER A 86 -21.42 11.80 10.51
N THR A 87 -20.68 12.91 10.60
CA THR A 87 -21.27 14.28 10.61
C THR A 87 -21.00 14.98 9.24
N ILE A 88 -21.90 15.91 8.85
CA ILE A 88 -21.66 16.66 7.57
C ILE A 88 -20.33 17.42 7.67
N GLU A 89 -20.13 18.11 8.80
CA GLU A 89 -18.95 18.96 9.09
C GLU A 89 -17.64 18.20 9.41
N GLY A 90 -17.73 16.96 9.88
CA GLY A 90 -16.54 16.20 10.17
C GLY A 90 -16.13 15.23 9.07
N TYR A 91 -17.04 14.99 8.11
CA TYR A 91 -16.75 14.09 6.96
C TYR A 91 -15.69 14.59 5.96
N SER A 92 -14.68 13.75 5.71
CA SER A 92 -13.55 14.15 4.87
C SER A 92 -13.56 13.51 3.42
N GLY A 93 -13.43 12.18 3.27
CA GLY A 93 -13.23 11.63 1.90
C GLY A 93 -11.76 11.41 1.57
N TYR A 94 -11.42 11.36 0.27
CA TYR A 94 -10.05 10.96 -0.25
C TYR A 94 -8.72 11.53 0.33
N GLY A 95 -8.64 12.84 0.62
CA GLY A 95 -7.46 13.46 1.29
C GLY A 95 -6.08 13.29 0.60
N ALA A 96 -5.24 14.34 0.61
CA ALA A 96 -3.85 14.31 -0.01
C ALA A 96 -3.16 12.96 0.22
N GLU A 97 -2.72 12.31 -0.84
CA GLU A 97 -2.13 10.98 -0.63
C GLU A 97 -0.67 11.05 -0.10
N GLN A 98 -0.11 12.28 -0.16
CA GLN A 98 1.15 12.73 0.48
C GLN A 98 1.00 12.81 2.03
N GLY A 99 -0.23 12.99 2.49
CA GLY A 99 -0.57 13.02 3.92
C GLY A 99 -1.19 14.36 4.20
N ALA A 100 -2.07 14.44 5.21
CA ALA A 100 -2.66 15.72 5.73
C ALA A 100 -1.55 16.66 6.09
N LYS A 101 -1.70 17.94 5.76
CA LYS A 101 -0.62 18.92 5.80
C LYS A 101 -0.17 19.18 7.21
N PRO A 102 -1.14 19.28 8.15
CA PRO A 102 -0.81 19.43 9.58
C PRO A 102 0.01 18.29 10.09
N LEU A 103 -0.16 17.10 9.50
CA LEU A 103 0.59 15.93 9.92
C LEU A 103 2.05 15.89 9.35
N ARG A 104 2.19 16.26 8.09
CA ARG A 104 3.51 16.46 7.43
C ARG A 104 4.39 17.49 8.18
N ALA A 105 3.78 18.63 8.51
CA ALA A 105 4.35 19.68 9.38
C ALA A 105 4.73 19.12 10.72
N ALA A 106 3.82 18.40 11.35
CA ALA A 106 4.13 17.99 12.72
C ALA A 106 5.32 17.05 12.77
N ILE A 107 5.44 16.22 11.72
CA ILE A 107 6.55 15.26 11.56
C ILE A 107 7.87 15.99 11.26
N ALA A 108 7.83 16.88 10.31
CA ALA A 108 8.97 17.70 9.99
C ALA A 108 9.53 18.32 11.28
N LYS A 109 8.64 18.99 12.03
CA LYS A 109 9.08 19.85 13.17
C LYS A 109 9.57 18.93 14.26
N THR A 110 8.80 17.88 14.57
CA THR A 110 9.05 17.05 15.73
C THR A 110 10.29 16.27 15.56
N PHE A 111 10.50 15.73 14.36
CA PHE A 111 11.56 14.77 14.19
C PHE A 111 12.76 15.33 13.48
N TYR A 112 12.60 16.49 12.78
CA TYR A 112 13.62 16.99 11.82
C TYR A 112 13.80 18.52 11.94
N GLY A 113 13.29 19.12 13.03
CA GLY A 113 13.41 20.57 13.23
C GLY A 113 14.86 20.95 13.37
N GLY A 114 15.31 21.85 12.53
CA GLY A 114 16.71 22.25 12.60
C GLY A 114 17.58 21.50 11.62
N LEU A 115 17.01 20.49 10.88
CA LEU A 115 17.76 19.61 9.95
C LEU A 115 17.48 19.92 8.47
N GLY A 116 16.87 21.06 8.17
CA GLY A 116 16.65 21.36 6.78
C GLY A 116 15.46 20.73 6.06
N ILE A 117 14.55 20.02 6.75
CA ILE A 117 13.38 19.43 6.11
C ILE A 117 12.09 20.29 6.14
N GLY A 118 11.42 20.50 5.01
CA GLY A 118 10.16 21.20 5.07
C GLY A 118 9.01 20.24 5.10
N ASP A 119 7.81 20.75 5.42
CA ASP A 119 6.54 20.00 5.32
C ASP A 119 6.40 19.25 3.98
N ASP A 120 6.85 19.88 2.90
CA ASP A 120 6.62 19.33 1.54
C ASP A 120 7.54 18.14 1.26
N ASP A 121 8.57 17.91 2.12
CA ASP A 121 9.53 16.79 1.99
C ASP A 121 9.10 15.48 2.62
N VAL A 122 8.02 15.50 3.42
CA VAL A 122 7.53 14.35 4.19
C VAL A 122 6.35 13.70 3.42
N PHE A 123 6.44 12.38 3.30
CA PHE A 123 5.41 11.60 2.68
C PHE A 123 4.89 10.60 3.71
N VAL A 124 3.69 10.87 4.19
CA VAL A 124 2.94 9.93 5.06
C VAL A 124 2.38 8.66 4.35
N SER A 125 2.57 7.51 4.98
CA SER A 125 2.16 6.26 4.40
C SER A 125 1.42 5.35 5.40
N ASP A 126 0.98 4.21 4.90
CA ASP A 126 0.28 3.26 5.73
C ASP A 126 1.31 2.33 6.47
N GLY A 127 2.61 2.61 6.39
CA GLY A 127 3.62 1.87 7.10
C GLY A 127 4.92 1.75 6.31
N ALA A 128 6.03 1.54 7.03
CA ALA A 128 7.40 1.49 6.41
C ALA A 128 7.65 0.30 5.45
N LYS A 129 7.07 -0.85 5.72
CA LYS A 129 7.14 -1.99 4.76
C LYS A 129 6.52 -1.58 3.44
N CYS A 130 5.52 -0.73 3.48
CA CYS A 130 4.92 -0.30 2.25
C CYS A 130 5.71 0.82 1.55
N ASP A 131 6.43 1.63 2.34
CA ASP A 131 7.28 2.70 1.86
C ASP A 131 8.46 2.06 1.08
N ILE A 132 8.98 1.00 1.66
CA ILE A 132 10.10 0.27 1.16
C ILE A 132 9.84 -0.25 -0.24
N SER A 133 8.64 -0.74 -0.48
CA SER A 133 8.35 -1.37 -1.70
C SER A 133 7.96 -0.35 -2.72
N ARG A 134 7.26 0.69 -2.28
CA ARG A 134 7.06 1.98 -3.02
C ARG A 134 8.43 2.58 -3.52
N LEU A 135 9.46 2.65 -2.64
CA LEU A 135 10.81 3.12 -3.04
C LEU A 135 11.36 2.21 -4.13
N GLN A 136 11.14 0.91 -3.97
CA GLN A 136 11.70 -0.02 -4.86
C GLN A 136 11.07 0.00 -6.24
N VAL A 137 9.79 0.24 -6.37
CA VAL A 137 9.14 0.37 -7.69
C VAL A 137 9.64 1.61 -8.38
N MET A 138 9.77 2.69 -7.60
CA MET A 138 10.37 3.93 -8.04
C MET A 138 11.80 3.80 -8.56
N PHE A 139 12.66 3.13 -7.84
CA PHE A 139 14.06 2.97 -8.29
C PHE A 139 14.19 2.14 -9.57
N GLY A 140 13.41 1.04 -9.60
CA GLY A 140 13.22 0.27 -10.78
C GLY A 140 14.15 -0.90 -10.68
N SER A 141 14.24 -1.64 -11.76
CA SER A 141 14.98 -2.89 -11.65
C SER A 141 16.42 -2.81 -12.22
N ASN A 142 16.72 -1.71 -12.86
CA ASN A 142 18.05 -1.40 -13.27
C ASN A 142 19.00 -0.79 -12.19
N VAL A 143 18.61 -0.74 -10.89
CA VAL A 143 19.55 -0.31 -9.86
C VAL A 143 20.15 -1.48 -9.17
N THR A 144 21.36 -1.31 -8.63
CA THR A 144 21.96 -2.25 -7.68
C THR A 144 21.90 -1.69 -6.20
N ILE A 145 21.91 -2.59 -5.23
CA ILE A 145 21.67 -2.22 -3.86
C ILE A 145 22.68 -2.90 -2.95
N ALA A 146 22.87 -2.28 -1.79
CA ALA A 146 23.75 -2.83 -0.77
C ALA A 146 22.88 -2.92 0.47
N VAL A 147 23.09 -3.95 1.27
CA VAL A 147 22.46 -4.02 2.56
C VAL A 147 23.42 -4.49 3.59
N GLN A 148 23.06 -4.21 4.87
CA GLN A 148 23.81 -4.69 6.01
C GLN A 148 23.54 -6.15 6.03
N ASP A 149 24.52 -6.93 6.49
CA ASP A 149 24.35 -8.34 6.71
C ASP A 149 24.85 -8.69 8.12
N PRO A 150 23.92 -9.04 9.01
CA PRO A 150 22.52 -9.31 8.67
C PRO A 150 21.71 -8.07 8.52
N SER A 151 20.62 -8.19 7.76
CA SER A 151 19.54 -7.19 7.83
C SER A 151 18.07 -7.71 7.64
N TYR A 152 17.18 -6.79 8.04
CA TYR A 152 15.76 -6.84 7.84
C TYR A 152 15.46 -7.33 6.46
N PRO A 153 14.74 -8.48 6.37
CA PRO A 153 14.53 -9.25 5.17
C PRO A 153 13.66 -8.62 4.09
N ALA A 154 12.94 -7.54 4.38
CA ALA A 154 12.12 -6.88 3.36
C ALA A 154 12.94 -6.08 2.32
N TYR A 155 14.19 -5.69 2.67
CA TYR A 155 14.98 -4.97 1.67
C TYR A 155 15.48 -5.92 0.63
N VAL A 156 16.11 -7.01 1.07
CA VAL A 156 16.60 -8.07 0.18
C VAL A 156 15.38 -8.62 -0.67
N ASP A 157 14.33 -9.05 0.02
CA ASP A 157 13.16 -9.60 -0.67
C ASP A 157 12.48 -8.67 -1.68
N SER A 158 12.42 -7.36 -1.42
CA SER A 158 11.77 -6.44 -2.34
C SER A 158 12.64 -6.30 -3.57
N SER A 159 13.95 -6.45 -3.37
CA SER A 159 14.91 -6.27 -4.45
C SER A 159 14.86 -7.41 -5.45
N VAL A 160 14.85 -8.63 -4.93
CA VAL A 160 14.58 -9.79 -5.73
C VAL A 160 13.30 -9.61 -6.53
N ILE A 161 12.23 -9.24 -5.82
CA ILE A 161 10.91 -9.05 -6.44
C ILE A 161 10.89 -8.06 -7.56
N MET A 162 11.67 -6.99 -7.40
CA MET A 162 11.75 -5.91 -8.40
C MET A 162 12.73 -6.20 -9.56
N GLY A 163 13.41 -7.32 -9.55
CA GLY A 163 14.29 -7.69 -10.65
C GLY A 163 15.65 -7.05 -10.58
N GLN A 164 16.05 -6.60 -9.37
CA GLN A 164 17.35 -6.01 -9.06
C GLN A 164 18.45 -7.04 -8.82
N THR A 165 18.09 -8.32 -8.86
CA THR A 165 19.03 -9.32 -8.46
C THR A 165 19.19 -10.45 -9.44
N GLY A 166 20.15 -11.29 -9.13
CA GLY A 166 20.32 -12.60 -9.78
C GLY A 166 19.68 -13.63 -8.93
N GLN A 167 19.95 -14.87 -9.26
CA GLN A 167 19.43 -15.99 -8.48
C GLN A 167 20.04 -16.10 -7.06
N PHE A 168 19.42 -16.93 -6.25
CA PHE A 168 19.93 -17.25 -4.96
C PHE A 168 20.98 -18.36 -5.01
N ASN A 169 22.14 -18.09 -4.40
CA ASN A 169 23.22 -19.05 -4.26
C ASN A 169 23.22 -19.69 -2.88
N THR A 170 22.91 -20.98 -2.81
CA THR A 170 22.71 -21.68 -1.57
C THR A 170 24.06 -22.06 -0.88
N ASP A 171 25.17 -21.90 -1.59
CA ASP A 171 26.46 -22.14 -0.98
C ASP A 171 26.82 -20.96 -0.01
N VAL A 172 26.50 -19.71 -0.42
CA VAL A 172 26.82 -18.52 0.39
C VAL A 172 25.58 -18.01 1.11
N GLN A 173 24.42 -18.48 0.72
CA GLN A 173 23.20 -17.93 1.20
C GLN A 173 22.97 -16.45 0.81
N LYS A 174 23.07 -16.11 -0.47
CA LYS A 174 23.05 -14.73 -0.85
C LYS A 174 22.34 -14.65 -2.17
N TYR A 175 21.64 -13.58 -2.44
CA TYR A 175 21.13 -13.40 -3.81
C TYR A 175 22.23 -12.72 -4.57
N GLY A 176 22.35 -12.99 -5.85
CA GLY A 176 23.41 -12.40 -6.62
C GLY A 176 23.11 -10.96 -6.99
N ASN A 177 24.22 -10.21 -6.99
CA ASN A 177 24.25 -8.87 -7.48
C ASN A 177 23.82 -7.90 -6.35
N ILE A 178 23.83 -8.37 -5.11
CA ILE A 178 23.54 -7.50 -3.94
C ILE A 178 24.81 -7.46 -3.16
N GLU A 179 25.16 -6.27 -2.70
CA GLU A 179 26.35 -6.07 -1.88
C GLU A 179 25.97 -6.25 -0.43
N TYR A 180 26.51 -7.29 0.20
CA TYR A 180 26.19 -7.60 1.54
C TYR A 180 27.31 -7.14 2.45
N MET A 181 27.02 -6.13 3.27
CA MET A 181 27.98 -5.47 4.13
C MET A 181 28.01 -6.11 5.54
N ARG A 182 28.90 -7.07 5.72
CA ARG A 182 29.14 -7.76 6.96
C ARG A 182 29.30 -6.80 8.15
N CYS A 183 28.33 -6.94 9.06
CA CYS A 183 28.28 -6.25 10.31
C CYS A 183 28.36 -7.27 11.45
N THR A 184 29.54 -7.35 12.07
CA THR A 184 29.87 -8.42 13.02
C THR A 184 30.15 -7.95 14.43
N PRO A 185 30.15 -8.84 15.43
CA PRO A 185 30.59 -8.36 16.80
C PRO A 185 31.98 -7.72 16.83
N GLU A 186 32.88 -8.20 15.96
CA GLU A 186 34.29 -7.81 15.84
C GLU A 186 34.55 -6.47 15.08
N ASN A 187 33.50 -5.87 14.47
CA ASN A 187 33.66 -4.55 13.83
C ASN A 187 32.61 -3.58 14.34
N GLY A 188 32.14 -3.83 15.57
CA GLY A 188 31.08 -3.02 16.17
C GLY A 188 29.76 -3.00 15.41
N PHE A 189 29.49 -4.06 14.63
CA PHE A 189 28.35 -4.12 13.77
C PHE A 189 28.30 -2.97 12.78
N PHE A 190 29.45 -2.48 12.33
CA PHE A 190 29.46 -1.42 11.31
C PHE A 190 30.36 -1.94 10.19
N PRO A 191 29.93 -1.83 8.93
CA PRO A 191 30.85 -2.49 7.98
C PRO A 191 32.20 -1.75 7.77
N ASP A 192 33.21 -2.47 7.26
CA ASP A 192 34.46 -1.84 6.80
C ASP A 192 34.19 -1.32 5.46
N LEU A 193 33.92 -0.03 5.35
CA LEU A 193 33.49 0.49 4.08
C LEU A 193 34.55 0.51 2.98
N SER A 194 35.77 0.08 3.31
CA SER A 194 36.85 0.02 2.33
C SER A 194 36.77 -1.28 1.51
N THR A 195 35.96 -2.23 1.97
CA THR A 195 35.75 -3.49 1.29
C THR A 195 34.34 -3.59 0.68
N VAL A 196 33.56 -2.49 0.72
CA VAL A 196 32.22 -2.41 0.10
C VAL A 196 32.28 -1.79 -1.31
N GLY A 197 31.74 -2.59 -2.24
CA GLY A 197 31.60 -2.27 -3.66
C GLY A 197 30.49 -1.28 -3.88
N ARG A 198 30.73 -0.35 -4.82
CA ARG A 198 29.77 0.65 -5.25
C ARG A 198 28.44 0.05 -5.66
N THR A 199 27.36 0.71 -5.26
CA THR A 199 26.01 0.35 -5.79
C THR A 199 25.29 1.65 -5.96
N ASP A 200 24.10 1.60 -6.58
CA ASP A 200 23.24 2.77 -6.67
C ASP A 200 22.61 3.09 -5.34
N ILE A 201 22.12 2.05 -4.66
CA ILE A 201 21.34 2.25 -3.43
C ILE A 201 21.99 1.54 -2.26
N ILE A 202 21.94 2.18 -1.09
CA ILE A 202 22.46 1.61 0.14
C ILE A 202 21.31 1.73 1.12
N PHE A 203 20.78 0.58 1.51
CA PHE A 203 19.78 0.53 2.56
C PHE A 203 20.49 0.46 3.89
N PHE A 204 20.21 1.40 4.79
CA PHE A 204 20.86 1.39 6.14
C PHE A 204 19.85 1.54 7.29
N CYS A 205 19.81 0.57 8.16
CA CYS A 205 18.92 0.50 9.31
C CYS A 205 19.73 0.86 10.58
N SER A 206 19.28 1.91 11.29
CA SER A 206 19.93 2.34 12.56
C SER A 206 18.90 2.96 13.45
N PRO A 207 18.69 2.36 14.62
CA PRO A 207 19.28 1.10 15.14
C PRO A 207 18.96 -0.09 14.22
N ASN A 208 19.88 -1.05 14.03
CA ASN A 208 19.63 -2.20 13.17
C ASN A 208 18.63 -3.20 13.78
N ASN A 209 17.75 -3.70 12.91
CA ASN A 209 17.01 -4.94 13.12
C ASN A 209 17.77 -5.99 12.25
N PRO A 210 18.32 -7.08 12.85
CA PRO A 210 18.12 -7.71 14.19
C PRO A 210 19.16 -7.46 15.28
N THR A 211 20.27 -6.79 14.97
CA THR A 211 21.39 -6.76 15.89
C THR A 211 21.20 -5.73 16.96
N GLY A 212 20.40 -4.71 16.68
CA GLY A 212 20.21 -3.66 17.67
C GLY A 212 21.25 -2.55 17.68
N ALA A 213 22.22 -2.65 16.78
CA ALA A 213 23.33 -1.71 16.66
C ALA A 213 22.92 -0.41 16.00
N ALA A 214 23.28 0.68 16.67
CA ALA A 214 22.93 2.03 16.23
C ALA A 214 24.25 2.63 15.87
N ALA A 215 24.34 3.22 14.67
CA ALA A 215 25.60 3.86 14.26
C ALA A 215 25.80 5.20 14.93
N THR A 216 27.09 5.46 14.99
CA THR A 216 27.70 6.51 15.69
C THR A 216 27.72 7.71 14.73
N ARG A 217 27.85 8.88 15.30
CA ARG A 217 28.01 10.04 14.48
C ARG A 217 29.19 9.96 13.45
N GLU A 218 30.34 9.49 13.90
CA GLU A 218 31.50 9.28 13.03
C GLU A 218 31.25 8.23 11.97
N GLN A 219 30.64 7.12 12.37
CA GLN A 219 30.21 6.03 11.42
C GLN A 219 29.32 6.51 10.26
N LEU A 220 28.26 7.22 10.61
CA LEU A 220 27.30 7.77 9.66
C LEU A 220 27.94 8.86 8.79
N THR A 221 28.85 9.62 9.43
CA THR A 221 29.75 10.52 8.69
C THR A 221 30.50 9.84 7.55
N GLN A 222 31.19 8.74 7.86
CA GLN A 222 31.80 7.88 6.81
C GLN A 222 30.80 7.35 5.76
N LEU A 223 29.60 6.95 6.22
CA LEU A 223 28.55 6.47 5.37
C LEU A 223 28.15 7.49 4.33
N VAL A 224 27.85 8.72 4.79
CA VAL A 224 27.59 9.84 3.91
C VAL A 224 28.72 10.15 2.89
N GLU A 225 29.96 10.17 3.37
CA GLU A 225 31.13 10.41 2.53
C GLU A 225 31.22 9.37 1.40
N PHE A 226 31.09 8.11 1.78
CA PHE A 226 31.06 6.95 0.90
C PHE A 226 30.00 7.04 -0.18
N ALA A 227 28.76 7.29 0.24
CA ALA A 227 27.67 7.50 -0.69
C ALA A 227 27.99 8.68 -1.57
N LYS A 228 28.52 9.77 -0.99
CA LYS A 228 28.81 10.97 -1.75
C LYS A 228 29.92 10.66 -2.82
N LYS A 229 30.96 9.91 -2.41
CA LYS A 229 32.03 9.55 -3.35
C LYS A 229 31.55 8.63 -4.51
N ASN A 230 30.71 7.63 -4.16
CA ASN A 230 30.19 6.62 -5.07
C ASN A 230 28.94 7.08 -5.81
N GLY A 231 28.41 8.23 -5.43
CA GLY A 231 27.17 8.74 -6.07
C GLY A 231 26.01 7.75 -5.90
N SER A 232 25.88 7.20 -4.68
CA SER A 232 24.80 6.39 -4.20
C SER A 232 23.74 7.20 -3.41
N ILE A 233 22.52 6.67 -3.45
CA ILE A 233 21.42 7.04 -2.55
C ILE A 233 21.46 6.11 -1.32
N ILE A 234 21.43 6.70 -0.13
CA ILE A 234 21.19 5.91 1.15
C ILE A 234 19.70 5.94 1.47
N VAL A 235 19.16 4.77 1.74
CA VAL A 235 17.82 4.74 2.24
C VAL A 235 18.03 4.40 3.71
N TYR A 236 17.78 5.35 4.59
CA TYR A 236 18.02 5.20 5.98
C TYR A 236 16.74 4.86 6.76
N ASP A 237 16.80 3.76 7.51
CA ASP A 237 15.62 3.29 8.25
C ASP A 237 15.82 3.55 9.76
N SER A 238 15.10 4.58 10.18
CA SER A 238 15.09 5.04 11.58
C SER A 238 13.87 4.50 12.35
N ALA A 239 13.20 3.47 11.84
CA ALA A 239 12.10 2.76 12.52
C ALA A 239 12.28 2.70 14.04
N TYR A 240 13.50 2.37 14.50
CA TYR A 240 13.79 2.22 15.94
C TYR A 240 14.40 3.38 16.70
N ALA A 241 14.48 4.56 16.08
CA ALA A 241 15.43 5.51 16.59
C ALA A 241 15.00 6.08 17.92
N MET A 242 13.72 6.00 18.26
CA MET A 242 13.23 6.44 19.57
C MET A 242 13.64 5.60 20.80
N TYR A 243 14.19 4.41 20.57
CA TYR A 243 14.79 3.60 21.59
C TYR A 243 16.26 3.98 21.82
N MET A 244 16.81 4.94 21.04
CA MET A 244 18.16 5.35 21.26
C MET A 244 18.47 5.65 22.76
N SER A 245 19.49 5.00 23.34
CA SER A 245 20.03 5.40 24.65
C SER A 245 21.35 6.15 24.55
N ASP A 246 22.25 5.64 23.71
CA ASP A 246 23.52 6.28 23.45
C ASP A 246 23.30 7.61 22.74
N ASP A 247 24.33 8.46 22.87
CA ASP A 247 24.41 9.80 22.24
C ASP A 247 24.78 9.71 20.71
N ASN A 248 23.86 9.21 19.89
CA ASN A 248 24.08 8.98 18.40
C ASN A 248 22.97 9.67 17.67
N PRO A 249 23.20 10.02 16.38
CA PRO A 249 22.09 10.68 15.67
C PRO A 249 20.88 9.72 15.59
N ARG A 250 19.69 10.31 15.62
CA ARG A 250 18.50 9.59 15.42
C ARG A 250 18.10 9.67 13.96
N SER A 251 18.67 10.67 13.27
CA SER A 251 18.38 10.91 11.86
C SER A 251 19.67 11.03 11.05
N ILE A 252 19.62 10.61 9.77
CA ILE A 252 20.74 10.78 8.84
C ILE A 252 20.90 12.26 8.51
N PHE A 253 19.83 13.03 8.64
CA PHE A 253 19.90 14.42 8.16
C PHE A 253 20.72 15.38 9.15
N GLU A 254 21.19 14.80 10.24
CA GLU A 254 22.10 15.34 11.24
C GLU A 254 23.54 15.37 10.77
N ILE A 255 23.82 14.55 9.76
CA ILE A 255 25.10 14.51 9.14
C ILE A 255 25.09 15.57 8.04
N PRO A 256 25.84 16.68 8.21
CA PRO A 256 25.81 17.68 7.10
C PRO A 256 26.19 17.00 5.76
N GLY A 257 25.50 17.32 4.66
CA GLY A 257 25.65 16.62 3.35
C GLY A 257 24.75 15.40 3.08
N ALA A 258 23.99 14.96 4.09
CA ALA A 258 23.02 13.89 3.93
C ALA A 258 21.93 14.28 2.96
N GLU A 259 21.67 15.57 2.85
CA GLU A 259 20.61 16.05 1.98
C GLU A 259 20.86 15.85 0.50
N GLU A 260 22.12 15.57 0.12
CA GLU A 260 22.52 15.32 -1.31
C GLU A 260 22.62 13.83 -1.68
N VAL A 261 22.52 12.93 -0.69
CA VAL A 261 22.69 11.48 -0.93
C VAL A 261 21.71 10.54 -0.18
N ALA A 262 20.81 11.08 0.63
CA ALA A 262 20.06 10.29 1.61
C ALA A 262 18.56 10.57 1.64
N MET A 263 17.81 9.52 1.96
CA MET A 263 16.41 9.68 2.35
C MET A 263 16.18 8.95 3.67
N GLU A 264 15.08 9.25 4.33
CA GLU A 264 14.78 8.54 5.54
C GLU A 264 13.36 7.88 5.52
N THR A 265 13.29 6.61 5.89
CA THR A 265 11.99 6.03 6.21
C THR A 265 11.86 5.74 7.70
N ALA A 266 10.64 5.95 8.20
CA ALA A 266 10.27 5.58 9.59
C ALA A 266 8.80 5.19 9.70
N SER A 267 8.41 4.84 10.92
CA SER A 267 7.11 4.24 11.23
C SER A 267 6.54 4.67 12.58
N PHE A 268 5.22 4.75 12.72
CA PHE A 268 4.67 4.94 14.07
C PHE A 268 4.53 3.66 14.87
N SER A 269 4.57 2.49 14.20
CA SER A 269 4.39 1.15 14.85
C SER A 269 5.18 0.87 16.08
N LYS A 270 6.46 1.25 16.11
CA LYS A 270 7.25 0.82 17.26
C LYS A 270 7.16 1.69 18.50
N TYR A 271 6.91 2.99 18.23
CA TYR A 271 6.87 4.08 19.18
C TYR A 271 5.48 4.19 19.79
N ALA A 272 4.44 4.14 18.94
CA ALA A 272 3.02 4.29 19.39
C ALA A 272 2.23 2.97 19.54
N GLY A 273 2.84 1.86 19.07
CA GLY A 273 2.21 0.54 19.06
C GLY A 273 1.22 0.35 17.93
N PHE A 274 1.36 1.15 16.86
CA PHE A 274 0.46 1.19 15.67
C PHE A 274 0.62 0.07 14.60
N THR A 275 1.02 -1.11 15.08
CA THR A 275 1.38 -2.25 14.27
C THR A 275 0.13 -2.81 13.53
N GLY A 276 -1.02 -2.79 14.20
CA GLY A 276 -2.30 -3.09 13.54
C GLY A 276 -2.96 -1.81 13.02
N VAL A 277 -2.46 -0.66 13.49
CA VAL A 277 -3.05 0.64 13.17
C VAL A 277 -2.55 1.34 11.84
N ARG A 278 -1.21 1.29 11.59
CA ARG A 278 -0.66 1.48 10.24
C ARG A 278 -0.41 2.95 9.82
N LEU A 279 0.78 3.50 10.12
CA LEU A 279 1.19 4.82 9.67
C LEU A 279 2.71 4.93 9.72
N GLY A 280 3.30 5.45 8.66
CA GLY A 280 4.70 5.79 8.67
C GLY A 280 4.95 7.01 7.80
N TRP A 281 6.19 7.16 7.35
CA TRP A 281 6.51 8.27 6.42
C TRP A 281 7.88 8.10 5.88
N THR A 282 8.16 8.83 4.83
CA THR A 282 9.51 8.88 4.33
C THR A 282 9.87 10.29 3.98
N VAL A 283 11.10 10.67 4.25
CA VAL A 283 11.57 12.05 3.97
C VAL A 283 12.56 12.08 2.77
N ILE A 284 12.23 12.80 1.68
CA ILE A 284 13.16 12.96 0.57
C ILE A 284 13.46 14.47 0.37
N PRO A 285 14.74 14.83 0.56
CA PRO A 285 15.12 16.17 0.61
C PRO A 285 15.17 16.76 -0.77
N LYS A 286 14.96 18.06 -0.88
CA LYS A 286 15.02 18.75 -2.17
C LYS A 286 16.32 18.57 -2.96
N LYS A 287 17.41 18.26 -2.26
CA LYS A 287 18.73 18.18 -2.90
C LYS A 287 19.19 16.76 -3.34
N LEU A 288 18.41 15.71 -3.05
CA LEU A 288 18.57 14.36 -3.64
C LEU A 288 18.12 14.33 -5.08
N LEU A 289 19.11 14.23 -5.98
CA LEU A 289 18.86 14.35 -7.42
C LEU A 289 19.42 13.10 -8.09
N TYR A 290 18.76 12.61 -9.13
CA TYR A 290 19.35 11.54 -10.00
C TYR A 290 20.47 12.13 -10.90
N SER A 291 21.18 11.27 -11.65
CA SER A 291 22.40 11.65 -12.36
C SER A 291 22.16 12.68 -13.47
N ASP A 292 20.92 12.78 -13.95
CA ASP A 292 20.46 13.83 -14.84
C ASP A 292 19.96 15.09 -14.12
N GLY A 293 20.05 15.22 -12.80
CA GLY A 293 19.53 16.43 -12.16
C GLY A 293 18.06 16.38 -11.79
N PHE A 294 17.40 15.25 -12.03
CA PHE A 294 15.94 15.17 -11.82
C PHE A 294 15.77 14.88 -10.33
N PRO A 295 14.93 15.70 -9.63
CA PRO A 295 14.75 15.49 -8.18
C PRO A 295 14.06 14.14 -7.91
N VAL A 296 14.73 13.28 -7.14
CA VAL A 296 14.18 12.03 -6.75
C VAL A 296 12.76 12.12 -6.08
N ALA A 297 12.53 13.20 -5.29
CA ALA A 297 11.28 13.46 -4.60
C ALA A 297 10.19 13.60 -5.59
N LYS A 298 10.54 14.06 -6.77
CA LYS A 298 9.53 14.32 -7.80
C LYS A 298 8.94 13.05 -8.38
N ASP A 299 9.74 12.00 -8.31
CA ASP A 299 9.37 10.73 -8.79
C ASP A 299 8.55 9.97 -7.79
N PHE A 300 8.95 10.01 -6.52
CA PHE A 300 8.23 9.37 -5.43
C PHE A 300 6.85 9.99 -5.33
N ASN A 301 6.74 11.29 -5.52
CA ASN A 301 5.44 11.94 -5.58
C ASN A 301 4.53 11.43 -6.72
N ARG A 302 5.12 11.25 -7.89
CA ARG A 302 4.45 10.63 -9.02
C ARG A 302 4.01 9.18 -8.76
N ILE A 303 4.82 8.39 -8.04
CA ILE A 303 4.48 7.02 -7.67
C ILE A 303 3.30 6.99 -6.65
N ILE A 304 3.30 7.94 -5.74
CA ILE A 304 2.41 7.98 -4.62
C ILE A 304 1.01 8.32 -5.14
N CYS A 305 0.95 9.20 -6.15
CA CYS A 305 -0.27 9.61 -6.79
C CYS A 305 -0.85 8.55 -7.66
N THR A 306 -0.03 7.76 -8.35
CA THR A 306 -0.61 6.67 -9.13
C THR A 306 -0.73 5.30 -8.43
N CYS A 307 0.04 5.04 -7.39
CA CYS A 307 0.11 3.67 -6.85
C CYS A 307 -0.41 3.48 -5.42
N PHE A 308 -0.72 4.55 -4.72
CA PHE A 308 -1.13 4.53 -3.34
C PHE A 308 -2.27 5.53 -3.28
N ASN A 309 -3.09 5.42 -2.23
CA ASN A 309 -4.27 6.29 -2.20
C ASN A 309 -4.31 7.12 -0.89
N GLY A 310 -3.19 7.07 -0.17
CA GLY A 310 -3.05 7.91 1.02
C GLY A 310 -3.30 7.11 2.27
N ALA A 311 -2.68 7.50 3.38
CA ALA A 311 -2.92 6.76 4.60
C ALA A 311 -4.33 7.08 5.17
N SER A 312 -4.87 6.09 5.88
CA SER A 312 -6.15 6.25 6.59
C SER A 312 -6.19 7.54 7.42
N ASN A 313 -7.31 8.28 7.29
CA ASN A 313 -7.53 9.57 7.93
C ASN A 313 -7.76 9.43 9.47
N ILE A 314 -8.12 8.21 9.89
CA ILE A 314 -8.32 7.90 11.26
C ILE A 314 -6.97 7.66 11.80
N SER A 315 -6.14 6.87 11.16
CA SER A 315 -4.74 6.70 11.60
C SER A 315 -3.94 8.02 11.61
N GLN A 316 -4.23 8.91 10.68
CA GLN A 316 -3.50 10.21 10.64
C GLN A 316 -3.83 11.13 11.83
N ALA A 317 -5.12 11.10 12.25
CA ALA A 317 -5.63 11.75 13.50
C ALA A 317 -4.97 11.15 14.67
N GLY A 318 -4.81 9.83 14.63
CA GLY A 318 -3.98 9.09 15.62
C GLY A 318 -2.57 9.63 15.85
N ALA A 319 -1.77 9.68 14.78
CA ALA A 319 -0.38 10.13 14.79
C ALA A 319 -0.25 11.60 15.09
N LEU A 320 -1.19 12.42 14.61
CA LEU A 320 -1.34 13.77 15.03
C LEU A 320 -1.41 14.00 16.56
N ALA A 321 -2.27 13.25 17.24
CA ALA A 321 -2.35 13.25 18.72
C ALA A 321 -1.03 12.74 19.36
N CYS A 322 -0.26 11.94 18.63
CA CYS A 322 0.99 11.48 19.16
C CYS A 322 1.99 12.65 19.29
N LEU A 323 1.93 13.64 18.42
CA LEU A 323 2.94 14.65 18.36
C LEU A 323 2.46 15.88 19.12
N THR A 324 2.29 15.70 20.43
CA THR A 324 1.65 16.64 21.37
C THR A 324 2.39 16.32 22.67
N PRO A 325 2.43 17.27 23.62
CA PRO A 325 3.02 16.94 24.93
C PRO A 325 2.52 15.62 25.56
N GLU A 326 1.19 15.43 25.65
CA GLU A 326 0.55 14.18 26.18
C GLU A 326 0.93 13.00 25.29
N GLY A 327 0.91 13.17 23.96
CA GLY A 327 1.15 12.02 23.09
C GLY A 327 2.54 11.50 23.21
N LEU A 328 3.48 12.42 23.19
CA LEU A 328 4.89 12.17 23.42
C LEU A 328 5.21 11.64 24.82
N GLU A 329 4.61 12.23 25.83
CA GLU A 329 4.69 11.62 27.17
C GLU A 329 4.23 10.15 27.12
N ALA A 330 3.10 9.87 26.51
CA ALA A 330 2.54 8.49 26.50
C ALA A 330 3.51 7.47 25.86
N MET A 331 4.06 7.86 24.71
CA MET A 331 5.03 7.09 24.00
C MET A 331 6.34 6.91 24.72
N HIS A 332 6.91 7.97 25.31
CA HIS A 332 8.04 7.76 26.21
C HIS A 332 7.78 6.68 27.27
N LYS A 333 6.61 6.67 27.92
CA LYS A 333 6.25 5.65 28.87
C LYS A 333 6.31 4.23 28.25
N VAL A 334 5.60 4.03 27.13
CA VAL A 334 5.64 2.71 26.50
C VAL A 334 7.03 2.34 25.99
N ILE A 335 7.79 3.27 25.47
CA ILE A 335 9.18 2.96 25.14
C ILE A 335 9.95 2.52 26.41
N GLY A 336 9.78 3.24 27.52
CA GLY A 336 10.39 2.85 28.75
C GLY A 336 10.03 1.46 29.26
N PHE A 337 8.75 1.06 29.15
CA PHE A 337 8.33 -0.28 29.46
C PHE A 337 9.10 -1.38 28.66
N TYR A 338 9.16 -1.25 27.34
CA TYR A 338 9.88 -2.19 26.46
C TYR A 338 11.37 -2.30 26.72
N LYS A 339 12.05 -1.16 26.98
CA LYS A 339 13.50 -1.14 27.32
C LYS A 339 13.74 -1.86 28.65
N GLU A 340 12.76 -1.85 29.53
CA GLU A 340 12.88 -2.61 30.79
C GLU A 340 12.84 -4.14 30.48
N ASN A 341 11.79 -4.56 29.71
CA ASN A 341 11.68 -5.96 29.23
C ASN A 341 12.96 -6.40 28.59
N THR A 342 13.55 -5.49 27.83
CA THR A 342 14.78 -5.86 27.15
C THR A 342 15.97 -6.02 28.07
N ASN A 343 16.00 -5.23 29.14
CA ASN A 343 17.03 -5.35 30.17
C ASN A 343 16.94 -6.66 30.91
N ILE A 344 15.74 -7.02 31.33
CA ILE A 344 15.41 -8.36 31.77
C ILE A 344 15.90 -9.47 30.82
N ILE A 345 15.74 -9.34 29.51
CA ILE A 345 16.15 -10.44 28.63
C ILE A 345 17.67 -10.55 28.56
N ILE A 346 18.31 -9.38 28.42
CA ILE A 346 19.77 -9.22 28.46
C ILE A 346 20.42 -9.88 29.70
N ASP A 347 19.93 -9.51 30.88
CA ASP A 347 20.34 -10.12 32.14
C ASP A 347 20.17 -11.64 32.21
N THR A 348 19.02 -12.19 31.75
CA THR A 348 18.88 -13.60 31.75
C THR A 348 19.87 -14.26 30.85
N PHE A 349 20.03 -13.86 29.61
CA PHE A 349 21.06 -14.53 28.81
C PHE A 349 22.49 -14.19 29.24
N THR A 350 22.74 -13.01 29.80
CA THR A 350 24.08 -12.80 30.27
C THR A 350 24.40 -13.76 31.45
N SER A 351 23.53 -13.79 32.46
CA SER A 351 23.61 -14.70 33.59
C SER A 351 23.79 -16.17 33.19
N LEU A 352 23.16 -16.62 32.10
CA LEU A 352 23.39 -17.92 31.57
C LEU A 352 24.65 -18.11 30.75
N GLY A 353 25.53 -17.10 30.69
CA GLY A 353 26.82 -17.26 29.98
C GLY A 353 26.93 -16.94 28.50
N TYR A 354 25.84 -16.56 27.85
CA TYR A 354 25.88 -16.22 26.41
C TYR A 354 26.36 -14.80 26.11
N ASP A 355 26.93 -14.64 24.90
CA ASP A 355 27.25 -13.31 24.30
C ASP A 355 25.96 -12.76 23.71
N VAL A 356 25.51 -11.62 24.24
CA VAL A 356 24.34 -10.88 23.74
C VAL A 356 24.76 -9.44 23.36
N TYR A 357 24.35 -9.07 22.17
CA TYR A 357 24.48 -7.75 21.59
C TYR A 357 23.07 -7.10 21.54
N GLY A 358 22.97 -5.87 21.07
CA GLY A 358 21.67 -5.18 20.95
C GLY A 358 21.24 -4.91 22.35
N GLY A 359 20.00 -4.51 22.56
CA GLY A 359 19.49 -4.38 23.91
C GLY A 359 19.60 -3.00 24.52
N LYS A 360 20.60 -2.20 24.06
CA LYS A 360 20.84 -0.86 24.58
C LYS A 360 19.99 0.15 23.82
N ASN A 361 19.99 0.07 22.48
CA ASN A 361 19.35 1.07 21.64
C ASN A 361 18.19 0.59 20.83
N ALA A 362 17.66 -0.59 21.21
CA ALA A 362 16.49 -1.23 20.51
C ALA A 362 15.82 -2.26 21.44
N PRO A 363 14.52 -2.55 21.24
CA PRO A 363 13.65 -3.51 21.98
C PRO A 363 13.91 -5.00 21.57
N TYR A 364 15.12 -5.34 21.20
CA TYR A 364 15.40 -6.72 21.04
C TYR A 364 16.89 -7.04 21.24
N VAL A 365 17.20 -8.31 21.52
CA VAL A 365 18.56 -8.70 21.80
C VAL A 365 18.97 -9.79 20.82
N TRP A 366 20.28 -9.86 20.62
CA TRP A 366 20.89 -10.57 19.56
C TRP A 366 21.88 -11.50 20.24
N VAL A 367 21.53 -12.78 20.22
CA VAL A 367 22.14 -13.72 21.11
C VAL A 367 22.96 -14.72 20.30
N HIS A 368 24.24 -14.79 20.61
CA HIS A 368 25.12 -15.80 20.05
C HIS A 368 24.96 -17.25 20.65
N PHE A 369 24.66 -18.16 19.74
CA PHE A 369 24.75 -19.62 19.92
C PHE A 369 25.83 -20.10 18.95
N PRO A 370 27.11 -20.09 19.38
CA PRO A 370 28.17 -20.57 18.51
C PRO A 370 28.03 -22.03 18.11
N ASN A 371 28.31 -22.28 16.82
CA ASN A 371 28.42 -23.64 16.21
C ASN A 371 27.11 -24.31 15.92
N GLN A 372 26.03 -23.59 16.08
CA GLN A 372 24.75 -24.20 15.95
C GLN A 372 24.00 -23.50 14.86
N SER A 373 23.10 -24.23 14.22
CA SER A 373 22.30 -23.62 13.27
C SER A 373 21.19 -22.83 14.03
N SER A 374 20.90 -21.62 13.56
CA SER A 374 19.93 -20.81 14.27
C SER A 374 18.52 -21.33 14.07
N TRP A 375 18.29 -21.99 12.93
CA TRP A 375 17.01 -22.73 12.78
C TRP A 375 16.85 -23.87 13.77
N ASP A 376 17.92 -24.55 14.15
CA ASP A 376 17.89 -25.62 15.12
C ASP A 376 17.63 -25.06 16.49
N VAL A 377 18.36 -23.99 16.86
CA VAL A 377 18.10 -23.36 18.14
C VAL A 377 16.61 -22.93 18.30
N PHE A 378 16.13 -22.20 17.28
CA PHE A 378 14.77 -21.79 17.18
C PHE A 378 13.81 -22.97 17.45
N ALA A 379 14.04 -24.10 16.75
CA ALA A 379 13.20 -25.31 16.92
C ALA A 379 13.27 -25.96 18.33
N GLU A 380 14.49 -26.00 18.92
CA GLU A 380 14.70 -26.46 20.32
C GLU A 380 13.97 -25.64 21.40
N ILE A 381 14.14 -24.30 21.33
CA ILE A 381 13.55 -23.38 22.26
C ILE A 381 12.07 -23.48 22.10
N LEU A 382 11.58 -23.55 20.85
CA LEU A 382 10.14 -23.64 20.62
C LEU A 382 9.54 -24.89 21.22
N GLU A 383 10.11 -26.07 20.95
CA GLU A 383 9.58 -27.37 21.39
C GLU A 383 9.72 -27.52 22.92
N LYS A 384 10.91 -27.24 23.48
CA LYS A 384 11.08 -27.44 24.92
C LYS A 384 10.45 -26.40 25.76
N THR A 385 10.48 -25.12 25.31
CA THR A 385 10.01 -23.94 26.11
C THR A 385 8.64 -23.33 25.70
N HIS A 386 8.15 -23.59 24.48
CA HIS A 386 6.95 -22.93 23.90
C HIS A 386 7.17 -21.42 23.81
N VAL A 387 8.44 -21.06 23.56
CA VAL A 387 8.79 -19.66 23.25
C VAL A 387 9.17 -19.49 21.77
N VAL A 388 8.43 -18.65 21.06
CA VAL A 388 8.89 -18.22 19.71
C VAL A 388 10.00 -17.11 19.63
N THR A 389 11.10 -17.43 18.96
CA THR A 389 12.19 -16.50 18.76
C THR A 389 12.32 -16.33 17.24
N THR A 390 13.36 -15.67 16.77
CA THR A 390 13.53 -15.52 15.32
C THR A 390 14.94 -15.98 15.05
N PRO A 391 15.06 -16.93 14.11
CA PRO A 391 16.49 -17.36 13.90
C PRO A 391 17.22 -16.35 13.08
N GLY A 392 18.46 -16.13 13.44
CA GLY A 392 19.35 -15.17 12.76
C GLY A 392 19.52 -15.27 11.29
N SER A 393 19.65 -16.51 10.81
CA SER A 393 19.79 -16.71 9.37
C SER A 393 18.52 -16.38 8.60
N GLY A 394 17.37 -16.17 9.28
CA GLY A 394 16.24 -15.46 8.68
C GLY A 394 16.65 -14.06 8.23
N PHE A 395 17.73 -13.54 8.78
CA PHE A 395 18.03 -12.18 8.51
C PHE A 395 19.21 -12.01 7.56
N GLY A 396 19.66 -13.08 6.89
CA GLY A 396 20.80 -13.01 6.00
C GLY A 396 21.92 -13.96 6.47
N PRO A 397 22.92 -14.24 5.60
CA PRO A 397 24.01 -15.18 6.03
C PRO A 397 24.79 -14.77 7.34
N GLY A 398 24.99 -13.48 7.66
CA GLY A 398 25.56 -13.14 8.97
C GLY A 398 24.89 -12.99 10.38
N GLY A 399 23.65 -13.32 10.72
CA GLY A 399 22.84 -14.39 10.30
C GLY A 399 23.02 -15.52 11.33
N GLU A 400 23.79 -16.53 10.93
CA GLU A 400 23.91 -17.81 11.56
C GLU A 400 24.87 -17.58 12.71
N GLY A 401 24.87 -18.24 13.87
CA GLY A 401 23.82 -18.68 14.72
C GLY A 401 23.81 -17.64 15.83
N PHE A 402 22.94 -16.68 15.57
CA PHE A 402 22.45 -15.71 16.49
C PHE A 402 20.96 -16.01 16.50
N VAL A 403 20.29 -15.66 17.58
CA VAL A 403 18.86 -15.60 17.46
C VAL A 403 18.47 -14.27 18.03
N ARG A 404 17.50 -13.64 17.34
CA ARG A 404 16.91 -12.44 17.80
C ARG A 404 15.81 -12.81 18.76
N VAL A 405 15.86 -12.19 19.94
CA VAL A 405 14.78 -12.28 20.88
C VAL A 405 14.22 -10.87 21.08
N SER A 406 12.94 -10.74 20.78
CA SER A 406 12.22 -9.52 20.88
C SER A 406 11.66 -9.29 22.30
N ALA A 407 11.61 -8.03 22.70
CA ALA A 407 11.20 -7.68 24.04
C ALA A 407 9.74 -7.12 24.19
N PHE A 408 8.95 -7.23 23.11
CA PHE A 408 7.58 -6.83 23.11
C PHE A 408 6.75 -7.99 23.68
N GLY A 409 6.42 -7.88 24.97
CA GLY A 409 5.46 -8.74 25.68
C GLY A 409 4.95 -8.08 26.97
N HIS A 410 3.80 -8.53 27.50
CA HIS A 410 3.42 -8.14 28.83
C HIS A 410 4.58 -8.51 29.76
N ARG A 411 4.83 -7.73 30.80
CA ARG A 411 5.80 -8.06 31.86
C ARG A 411 5.83 -9.53 32.41
N GLU A 412 4.68 -10.08 32.72
CA GLU A 412 4.53 -11.47 33.13
C GLU A 412 5.04 -12.44 32.05
N ASN A 413 4.68 -12.18 30.81
CA ASN A 413 5.12 -13.00 29.65
C ASN A 413 6.63 -13.03 29.44
N ILE A 414 7.33 -11.91 29.63
CA ILE A 414 8.76 -11.85 29.47
C ILE A 414 9.43 -12.49 30.68
N LEU A 415 8.87 -12.28 31.88
CA LEU A 415 9.42 -12.87 33.10
C LEU A 415 9.41 -14.41 32.97
N GLU A 416 8.23 -14.93 32.58
CA GLU A 416 8.03 -16.33 32.32
C GLU A 416 8.82 -16.88 31.16
N ALA A 417 8.90 -16.19 30.00
CA ALA A 417 9.84 -16.67 28.92
C ALA A 417 11.20 -16.76 29.46
N CYS A 418 11.53 -15.83 30.35
CA CYS A 418 12.87 -15.74 30.89
C CYS A 418 13.12 -16.83 31.89
N ARG A 419 12.17 -17.10 32.78
CA ARG A 419 12.32 -18.29 33.59
C ARG A 419 12.35 -19.61 32.79
N ARG A 420 11.68 -19.71 31.62
CA ARG A 420 11.86 -20.85 30.71
C ARG A 420 13.28 -20.96 30.17
N PHE A 421 13.84 -19.86 29.65
CA PHE A 421 15.20 -19.94 29.18
C PHE A 421 16.14 -20.37 30.32
N LYS A 422 15.85 -19.88 31.54
CA LYS A 422 16.59 -20.30 32.74
C LYS A 422 16.53 -21.81 33.02
N GLN A 423 15.32 -22.40 33.16
CA GLN A 423 15.16 -23.88 33.26
C GLN A 423 15.92 -24.63 32.17
N LEU A 424 15.74 -24.22 30.89
CA LEU A 424 16.37 -24.86 29.73
C LEU A 424 17.87 -24.93 29.78
N TYR A 425 18.53 -23.78 30.02
CA TYR A 425 20.01 -23.73 29.81
C TYR A 425 20.69 -23.73 31.17
N LYS A 426 21.93 -24.21 31.23
CA LYS A 426 22.46 -24.94 32.46
C LYS A 426 22.46 -24.21 33.84
N GLU B 19 25.38 22.44 -8.74
CA GLU B 19 24.70 21.54 -7.75
C GLU B 19 25.19 20.02 -7.77
N TYR B 20 25.39 19.43 -6.60
CA TYR B 20 25.72 18.01 -6.52
C TYR B 20 24.53 17.09 -7.00
N LYS B 21 24.88 16.00 -7.71
CA LYS B 21 23.96 15.05 -8.33
C LYS B 21 24.55 13.67 -7.98
N THR B 22 23.69 12.70 -7.63
CA THR B 22 24.10 11.28 -7.42
C THR B 22 24.48 10.67 -8.78
N LYS B 23 25.02 9.45 -8.77
CA LYS B 23 25.33 8.69 -9.99
C LYS B 23 24.23 7.62 -10.36
N VAL B 24 23.06 7.67 -9.76
CA VAL B 24 22.09 6.69 -10.13
C VAL B 24 21.19 7.29 -11.20
N SER B 25 20.88 6.51 -12.23
CA SER B 25 19.98 7.05 -13.32
C SER B 25 18.48 7.07 -12.90
N ARG B 26 17.74 8.05 -13.37
CA ARG B 26 16.33 8.01 -13.27
C ARG B 26 15.86 6.67 -13.87
N ASN B 27 14.96 6.00 -13.12
CA ASN B 27 14.11 4.91 -13.62
C ASN B 27 13.55 5.33 -14.97
N SER B 28 14.01 4.70 -16.07
CA SER B 28 13.47 4.99 -17.39
C SER B 28 11.98 4.74 -17.51
N ASN B 29 11.32 3.98 -16.64
CA ASN B 29 9.83 3.85 -16.75
C ASN B 29 9.12 5.15 -16.25
N MET B 30 9.78 5.92 -15.39
CA MET B 30 9.19 7.20 -15.00
C MET B 30 9.41 8.24 -16.05
N SER B 31 10.53 8.22 -16.77
CA SER B 31 10.59 9.20 -17.85
C SER B 31 9.55 8.90 -18.94
N LYS B 32 9.20 7.63 -19.16
CA LYS B 32 8.19 7.26 -20.17
C LYS B 32 6.89 7.98 -19.99
N LEU B 33 6.52 8.13 -18.73
CA LEU B 33 5.22 8.55 -18.25
C LEU B 33 4.93 9.89 -18.84
N GLN B 34 3.92 10.57 -18.31
CA GLN B 34 3.85 12.01 -18.60
C GLN B 34 2.62 12.76 -18.13
N ALA B 35 2.81 14.09 -18.02
CA ALA B 35 1.77 15.15 -17.93
C ALA B 35 0.44 14.75 -17.21
N GLY B 36 0.48 14.24 -15.97
CA GLY B 36 1.62 14.16 -15.02
C GLY B 36 0.79 13.52 -13.92
N TYR B 37 -0.39 13.06 -14.38
CA TYR B 37 -1.56 12.45 -13.71
C TYR B 37 -2.74 13.42 -13.72
N LEU B 38 -3.88 12.91 -14.23
CA LEU B 38 -5.00 13.74 -14.72
C LEU B 38 -5.62 14.63 -13.64
N PHE B 39 -5.71 14.08 -12.43
CA PHE B 39 -6.53 14.67 -11.37
C PHE B 39 -5.93 15.90 -10.69
N PRO B 40 -4.60 15.86 -10.37
CA PRO B 40 -3.70 17.03 -10.24
C PRO B 40 -3.80 18.04 -11.38
N GLU B 41 -3.86 17.54 -12.61
CA GLU B 41 -3.99 18.40 -13.82
C GLU B 41 -5.34 19.23 -13.81
N ILE B 42 -6.41 18.58 -13.34
CA ILE B 42 -7.70 19.22 -13.21
C ILE B 42 -7.64 20.12 -11.96
N ALA B 43 -7.13 19.60 -10.84
CA ALA B 43 -6.91 20.39 -9.62
C ALA B 43 -6.17 21.71 -9.89
N ARG B 44 -5.10 21.67 -10.72
CA ARG B 44 -4.39 22.93 -11.12
C ARG B 44 -5.33 23.96 -11.75
N ARG B 45 -5.93 23.58 -12.87
CA ARG B 45 -6.92 24.37 -13.61
C ARG B 45 -8.08 24.91 -12.72
N ARG B 46 -8.50 24.12 -11.74
CA ARG B 46 -9.43 24.53 -10.63
C ARG B 46 -8.86 25.69 -9.71
N SER B 47 -7.63 25.55 -9.25
CA SER B 47 -6.92 26.64 -8.54
C SER B 47 -6.66 27.89 -9.42
N ALA B 48 -6.12 27.65 -10.62
CA ALA B 48 -5.99 28.66 -11.66
C ALA B 48 -7.29 29.44 -11.85
N HIS B 49 -8.39 28.72 -12.13
CA HIS B 49 -9.78 29.25 -12.16
C HIS B 49 -10.20 30.16 -11.00
N LEU B 50 -9.81 29.77 -9.79
CA LEU B 50 -10.20 30.54 -8.55
C LEU B 50 -9.34 31.77 -8.27
N LEU B 51 -8.08 31.73 -8.71
CA LEU B 51 -7.23 32.93 -8.79
C LEU B 51 -7.90 33.96 -9.73
N LYS B 52 -8.52 33.47 -10.83
CA LYS B 52 -9.40 34.24 -11.76
C LYS B 52 -10.79 34.66 -11.21
N TYR B 53 -11.53 33.73 -10.60
CA TYR B 53 -12.82 34.09 -9.94
C TYR B 53 -12.81 33.80 -8.42
N PRO B 54 -12.38 34.82 -7.64
CA PRO B 54 -12.21 34.76 -6.17
C PRO B 54 -13.52 34.52 -5.40
N ASP B 55 -14.61 35.11 -5.91
CA ASP B 55 -15.94 35.04 -5.30
C ASP B 55 -16.81 33.87 -5.81
N ALA B 56 -16.20 33.03 -6.66
CA ALA B 56 -16.93 32.03 -7.48
C ALA B 56 -17.39 30.86 -6.65
N GLN B 57 -18.64 30.41 -6.83
CA GLN B 57 -19.16 29.18 -6.11
C GLN B 57 -18.93 27.91 -6.92
N VAL B 58 -17.71 27.42 -6.88
CA VAL B 58 -17.29 26.21 -7.59
C VAL B 58 -17.86 24.87 -7.00
N ILE B 59 -18.67 24.20 -7.81
CA ILE B 59 -19.20 22.86 -7.50
C ILE B 59 -18.39 21.83 -8.29
N SER B 60 -17.85 20.82 -7.59
CA SER B 60 -17.02 19.79 -8.24
C SER B 60 -17.80 18.51 -8.55
N LEU B 61 -18.08 18.27 -9.85
CA LEU B 61 -18.63 16.97 -10.37
C LEU B 61 -17.52 16.27 -11.19
N GLY B 62 -16.30 16.39 -10.63
CA GLY B 62 -15.02 15.95 -11.19
C GLY B 62 -14.64 14.62 -10.56
N ILE B 63 -13.45 14.56 -9.93
CA ILE B 63 -12.97 13.36 -9.15
C ILE B 63 -14.17 12.64 -8.50
N GLY B 64 -14.33 11.35 -8.86
CA GLY B 64 -15.32 10.49 -8.21
C GLY B 64 -14.93 10.34 -6.73
N ASP B 65 -15.51 11.18 -5.87
CA ASP B 65 -15.21 11.11 -4.44
C ASP B 65 -16.50 11.26 -3.64
N THR B 66 -16.85 10.23 -2.84
CA THR B 66 -17.98 10.26 -1.84
C THR B 66 -18.08 11.61 -0.96
N THR B 67 -19.31 12.06 -0.64
CA THR B 67 -19.50 13.38 0.03
C THR B 67 -20.44 13.36 1.26
N GLU B 68 -21.21 12.29 1.36
CA GLU B 68 -22.12 12.11 2.50
C GLU B 68 -21.33 11.51 3.69
N PRO B 69 -21.76 11.77 4.95
CA PRO B 69 -21.15 11.06 6.08
C PRO B 69 -21.29 9.49 6.03
N ILE B 70 -20.25 8.82 6.50
CA ILE B 70 -20.27 7.43 6.73
C ILE B 70 -21.49 7.15 7.64
N PRO B 71 -22.31 6.16 7.24
CA PRO B 71 -23.37 5.74 8.22
C PRO B 71 -22.86 5.47 9.65
N GLU B 72 -23.60 6.00 10.60
CA GLU B 72 -23.30 5.87 12.03
C GLU B 72 -22.99 4.47 12.52
N VAL B 73 -23.66 3.50 11.91
CA VAL B 73 -23.50 2.16 12.39
C VAL B 73 -22.04 1.72 12.08
N ILE B 74 -21.49 2.21 10.98
CA ILE B 74 -20.08 1.96 10.61
C ILE B 74 -19.03 2.65 11.51
N THR B 75 -19.19 3.96 11.70
CA THR B 75 -18.30 4.83 12.43
C THR B 75 -18.33 4.43 13.87
N SER B 76 -19.50 4.08 14.38
CA SER B 76 -19.55 3.49 15.75
C SER B 76 -18.72 2.26 15.92
N ALA B 77 -18.78 1.34 14.94
CA ALA B 77 -17.94 0.14 14.98
C ALA B 77 -16.45 0.47 14.97
N MET B 78 -16.07 1.45 14.13
CA MET B 78 -14.68 1.95 13.97
C MET B 78 -14.16 2.63 15.20
N ALA B 79 -14.97 3.52 15.77
CA ALA B 79 -14.73 4.10 17.07
C ALA B 79 -14.56 3.08 18.18
N LYS B 80 -15.44 2.08 18.26
CA LYS B 80 -15.40 1.11 19.36
C LYS B 80 -14.13 0.25 19.27
N LYS B 81 -13.78 -0.12 18.04
CA LYS B 81 -12.48 -0.71 17.78
C LYS B 81 -11.28 0.16 18.32
N ALA B 82 -11.29 1.44 18.05
CA ALA B 82 -10.27 2.37 18.51
C ALA B 82 -10.26 2.40 20.05
N HIS B 83 -11.43 2.48 20.67
CA HIS B 83 -11.39 2.42 22.12
C HIS B 83 -10.81 1.13 22.59
N GLU B 84 -11.08 0.04 21.88
CA GLU B 84 -10.58 -1.27 22.31
C GLU B 84 -9.11 -1.42 22.22
N LEU B 85 -8.45 -0.70 21.31
CA LEU B 85 -6.95 -0.80 21.24
C LEU B 85 -6.23 -0.28 22.50
N SER B 86 -6.95 0.47 23.33
CA SER B 86 -6.36 0.94 24.58
C SER B 86 -6.66 0.01 25.79
N THR B 87 -7.18 -1.20 25.52
CA THR B 87 -7.50 -2.15 26.61
C THR B 87 -6.62 -3.39 26.43
N ILE B 88 -6.42 -4.17 27.49
CA ILE B 88 -5.57 -5.40 27.38
C ILE B 88 -6.24 -6.51 26.54
N GLU B 89 -7.52 -6.76 26.86
CA GLU B 89 -8.44 -7.53 26.05
C GLU B 89 -8.24 -7.19 24.53
N GLY B 90 -8.72 -6.01 24.15
CA GLY B 90 -8.92 -5.66 22.75
C GLY B 90 -7.77 -4.93 22.08
N TYR B 91 -6.58 -4.90 22.71
CA TYR B 91 -5.41 -4.50 21.94
C TYR B 91 -5.05 -5.58 20.89
N SER B 92 -4.72 -5.15 19.66
CA SER B 92 -4.22 -6.06 18.61
C SER B 92 -2.68 -6.05 18.35
N GLY B 93 -2.27 -5.30 17.35
CA GLY B 93 -0.96 -5.57 16.77
C GLY B 93 -1.16 -6.02 15.34
N TYR B 94 -0.11 -6.64 14.77
CA TYR B 94 0.05 -6.90 13.33
C TYR B 94 -0.90 -7.91 12.66
N GLY B 95 -0.91 -7.83 11.33
CA GLY B 95 -0.60 -9.00 10.46
C GLY B 95 -1.65 -10.07 10.44
N ALA B 96 -1.42 -11.12 9.64
CA ALA B 96 -2.46 -11.62 8.70
C ALA B 96 -2.71 -10.37 7.82
N GLU B 97 -1.74 -10.09 6.96
CA GLU B 97 -1.80 -9.08 5.88
C GLU B 97 -2.77 -9.45 4.76
N GLN B 98 -3.18 -10.74 4.71
CA GLN B 98 -4.30 -11.22 3.85
C GLN B 98 -5.63 -10.59 4.33
N GLY B 99 -5.65 -10.14 5.60
CA GLY B 99 -6.77 -9.63 6.36
C GLY B 99 -7.28 -10.60 7.43
N ALA B 100 -8.06 -10.08 8.39
CA ALA B 100 -8.72 -10.89 9.42
C ALA B 100 -9.71 -11.87 8.79
N LYS B 101 -9.63 -13.10 9.31
CA LYS B 101 -10.44 -14.28 9.03
C LYS B 101 -11.94 -14.02 8.94
N PRO B 102 -12.54 -13.46 10.02
CA PRO B 102 -13.97 -13.12 9.91
C PRO B 102 -14.31 -12.14 8.77
N LEU B 103 -13.34 -11.36 8.38
CA LEU B 103 -13.62 -10.34 7.35
C LEU B 103 -13.57 -10.98 5.96
N ARG B 104 -12.56 -11.80 5.74
CA ARG B 104 -12.40 -12.58 4.58
C ARG B 104 -13.60 -13.53 4.45
N ALA B 105 -14.06 -14.10 5.57
CA ALA B 105 -15.24 -14.97 5.55
C ALA B 105 -16.43 -14.23 5.09
N ALA B 106 -16.68 -13.05 5.64
CA ALA B 106 -17.86 -12.24 5.38
C ALA B 106 -17.91 -11.69 3.95
N ILE B 107 -16.75 -11.25 3.46
CA ILE B 107 -16.62 -10.90 2.06
C ILE B 107 -16.86 -12.09 1.13
N ALA B 108 -16.18 -13.18 1.36
CA ALA B 108 -16.52 -14.39 0.57
C ALA B 108 -18.09 -14.72 0.44
N LYS B 109 -18.79 -14.87 1.60
CA LYS B 109 -20.23 -15.22 1.81
C LYS B 109 -21.06 -14.14 1.15
N THR B 110 -20.87 -12.87 1.57
CA THR B 110 -21.74 -11.75 1.10
C THR B 110 -21.65 -11.44 -0.42
N PHE B 111 -20.47 -11.33 -1.05
CA PHE B 111 -20.48 -10.91 -2.45
C PHE B 111 -20.21 -12.03 -3.41
N TYR B 112 -19.75 -13.18 -2.91
CA TYR B 112 -19.39 -14.37 -3.71
C TYR B 112 -20.01 -15.74 -3.26
N GLY B 113 -21.09 -15.68 -2.49
CA GLY B 113 -21.77 -16.89 -1.97
C GLY B 113 -22.42 -17.66 -3.10
N GLY B 114 -22.08 -18.93 -3.24
CA GLY B 114 -22.63 -19.60 -4.44
C GLY B 114 -21.75 -19.57 -5.67
N LEU B 115 -20.58 -18.90 -5.58
CA LEU B 115 -19.72 -18.68 -6.70
C LEU B 115 -18.40 -19.41 -6.52
N GLY B 116 -18.39 -20.37 -5.59
CA GLY B 116 -17.24 -21.22 -5.42
C GLY B 116 -16.04 -20.52 -4.80
N ILE B 117 -16.21 -19.47 -4.04
CA ILE B 117 -15.07 -18.69 -3.54
C ILE B 117 -14.89 -18.94 -2.06
N GLY B 118 -13.74 -19.45 -1.62
CA GLY B 118 -13.47 -19.68 -0.21
C GLY B 118 -12.91 -18.45 0.43
N ASP B 119 -13.03 -18.36 1.75
CA ASP B 119 -12.31 -17.47 2.65
C ASP B 119 -10.88 -17.16 2.28
N ASP B 120 -10.16 -18.20 1.89
CA ASP B 120 -8.74 -18.11 1.66
C ASP B 120 -8.42 -17.50 0.30
N ASP B 121 -9.42 -17.34 -0.56
CA ASP B 121 -9.22 -16.69 -1.85
C ASP B 121 -9.34 -15.16 -1.83
N VAL B 122 -9.69 -14.62 -0.67
CA VAL B 122 -9.98 -13.20 -0.51
C VAL B 122 -8.77 -12.53 0.15
N PHE B 123 -8.29 -11.41 -0.40
CA PHE B 123 -7.15 -10.73 0.22
C PHE B 123 -7.63 -9.30 0.45
N VAL B 124 -7.75 -8.95 1.75
CA VAL B 124 -8.10 -7.60 2.19
C VAL B 124 -6.91 -6.59 2.05
N SER B 125 -7.18 -5.44 1.47
CA SER B 125 -6.10 -4.48 1.28
C SER B 125 -6.60 -3.13 1.82
N ASP B 126 -5.72 -2.12 1.84
CA ASP B 126 -6.17 -0.75 2.16
C ASP B 126 -6.68 0.02 0.90
N GLY B 127 -7.20 -0.70 -0.10
CA GLY B 127 -7.96 -0.03 -1.19
C GLY B 127 -7.56 -0.34 -2.63
N ALA B 128 -8.47 -0.08 -3.58
CA ALA B 128 -8.28 -0.60 -4.94
C ALA B 128 -7.07 -0.04 -5.71
N LYS B 129 -6.63 1.19 -5.38
CA LYS B 129 -5.45 1.70 -6.06
C LYS B 129 -4.16 0.94 -5.63
N CYS B 130 -4.06 0.70 -4.33
CA CYS B 130 -3.01 -0.17 -3.80
C CYS B 130 -3.13 -1.64 -4.23
N ASP B 131 -4.32 -2.18 -4.49
CA ASP B 131 -4.47 -3.49 -5.09
C ASP B 131 -3.89 -3.57 -6.54
N ILE B 132 -4.12 -2.59 -7.38
CA ILE B 132 -3.56 -2.59 -8.69
C ILE B 132 -2.03 -2.48 -8.62
N SER B 133 -1.48 -1.70 -7.70
CA SER B 133 -0.06 -1.68 -7.44
C SER B 133 0.52 -3.03 -7.21
N ARG B 134 0.12 -3.66 -6.13
CA ARG B 134 0.51 -5.00 -5.81
C ARG B 134 0.31 -6.08 -6.93
N LEU B 135 -0.81 -5.99 -7.67
CA LEU B 135 -1.02 -6.93 -8.79
C LEU B 135 0.05 -6.72 -9.85
N GLN B 136 0.39 -5.44 -10.09
CA GLN B 136 1.21 -5.08 -11.24
C GLN B 136 2.70 -5.46 -11.01
N VAL B 137 3.09 -5.36 -9.77
CA VAL B 137 4.34 -5.90 -9.25
C VAL B 137 4.40 -7.42 -9.23
N MET B 138 3.34 -8.07 -8.76
CA MET B 138 3.24 -9.49 -8.99
C MET B 138 3.40 -9.90 -10.49
N PHE B 139 2.71 -9.25 -11.44
CA PHE B 139 2.84 -9.59 -12.86
C PHE B 139 4.25 -9.35 -13.46
N GLY B 140 4.86 -8.22 -13.07
CA GLY B 140 6.20 -7.89 -13.48
C GLY B 140 6.27 -7.11 -14.76
N SER B 141 7.50 -6.85 -15.15
CA SER B 141 7.69 -5.92 -16.27
C SER B 141 7.41 -6.65 -17.57
N ASN B 142 7.28 -7.96 -17.55
CA ASN B 142 7.20 -8.67 -18.80
C ASN B 142 5.86 -9.11 -19.37
N VAL B 143 4.74 -8.71 -18.81
CA VAL B 143 3.49 -8.99 -19.43
C VAL B 143 3.02 -7.85 -20.36
N THR B 144 2.02 -8.13 -21.23
CA THR B 144 1.31 -7.06 -21.96
C THR B 144 -0.11 -7.04 -21.47
N ILE B 145 -0.76 -5.89 -21.56
CA ILE B 145 -2.03 -5.63 -20.99
C ILE B 145 -2.92 -5.01 -22.04
N ALA B 146 -4.22 -5.32 -21.89
CA ALA B 146 -5.33 -4.75 -22.67
C ALA B 146 -6.12 -3.99 -21.62
N VAL B 147 -6.66 -2.85 -21.99
CA VAL B 147 -7.51 -2.07 -21.16
C VAL B 147 -8.59 -1.51 -22.09
N GLN B 148 -9.66 -1.02 -21.51
CA GLN B 148 -10.83 -0.54 -22.22
C GLN B 148 -10.39 0.82 -22.62
N ASP B 149 -11.03 1.44 -23.60
CA ASP B 149 -10.60 2.76 -23.97
C ASP B 149 -11.86 3.57 -24.23
N PRO B 150 -12.19 4.48 -23.29
CA PRO B 150 -11.45 5.00 -22.11
C PRO B 150 -11.39 4.03 -20.90
N SER B 151 -10.28 4.09 -20.17
CA SER B 151 -10.21 3.42 -18.86
C SER B 151 -9.56 4.33 -17.78
N TYR B 152 -9.87 4.00 -16.52
CA TYR B 152 -9.29 4.55 -15.33
C TYR B 152 -7.74 4.49 -15.52
N PRO B 153 -7.06 5.65 -15.34
CA PRO B 153 -5.63 5.83 -15.51
C PRO B 153 -4.73 4.92 -14.75
N ALA B 154 -5.06 4.58 -13.52
CA ALA B 154 -4.22 3.71 -12.70
C ALA B 154 -3.72 2.42 -13.40
N TYR B 155 -4.49 1.86 -14.34
CA TYR B 155 -4.05 0.62 -14.95
C TYR B 155 -2.97 0.92 -15.92
N VAL B 156 -3.19 1.97 -16.71
CA VAL B 156 -2.24 2.42 -17.72
C VAL B 156 -0.97 2.91 -17.09
N ASP B 157 -1.09 3.93 -16.22
CA ASP B 157 0.11 4.47 -15.52
C ASP B 157 0.86 3.41 -14.76
N SER B 158 0.18 2.47 -14.10
CA SER B 158 0.91 1.47 -13.32
C SER B 158 1.68 0.53 -14.21
N SER B 159 1.17 0.33 -15.42
CA SER B 159 1.71 -0.53 -16.44
C SER B 159 3.05 0.07 -16.99
N VAL B 160 2.99 1.37 -17.31
CA VAL B 160 4.15 2.18 -17.69
C VAL B 160 5.20 2.10 -16.59
N ILE B 161 4.75 2.28 -15.35
CA ILE B 161 5.71 2.33 -14.26
C ILE B 161 6.43 1.01 -14.14
N MET B 162 5.78 -0.05 -14.56
CA MET B 162 6.30 -1.39 -14.24
C MET B 162 7.13 -1.93 -15.32
N GLY B 163 7.26 -1.19 -16.42
CA GLY B 163 8.07 -1.64 -17.48
C GLY B 163 7.35 -2.31 -18.63
N GLN B 164 6.02 -2.15 -18.71
CA GLN B 164 5.20 -3.01 -19.60
C GLN B 164 4.92 -2.44 -21.03
N THR B 165 5.32 -1.21 -21.27
CA THR B 165 4.93 -0.45 -22.38
C THR B 165 6.23 0.01 -23.12
N GLY B 166 6.02 0.74 -24.20
CA GLY B 166 7.07 1.50 -24.79
C GLY B 166 6.69 2.93 -24.53
N GLN B 167 7.05 3.79 -25.49
CA GLN B 167 6.85 5.23 -25.31
C GLN B 167 5.47 5.64 -25.69
N PHE B 168 5.01 6.73 -25.08
CA PHE B 168 3.82 7.42 -25.50
C PHE B 168 3.92 7.98 -26.93
N ASN B 169 2.86 7.80 -27.68
CA ASN B 169 2.80 8.26 -29.05
C ASN B 169 1.76 9.33 -29.11
N THR B 170 2.22 10.55 -29.36
CA THR B 170 1.38 11.71 -29.29
C THR B 170 0.40 11.80 -30.50
N ASP B 171 0.74 11.13 -31.62
CA ASP B 171 -0.15 11.07 -32.79
C ASP B 171 -1.53 10.46 -32.43
N VAL B 172 -1.50 9.16 -32.10
CA VAL B 172 -2.63 8.42 -31.56
C VAL B 172 -2.95 8.62 -30.05
N GLN B 173 -2.12 9.34 -29.27
CA GLN B 173 -2.33 9.47 -27.79
C GLN B 173 -2.29 8.14 -26.93
N LYS B 174 -1.50 7.18 -27.32
CA LYS B 174 -1.44 5.93 -26.61
C LYS B 174 0.00 5.52 -26.31
N TYR B 175 0.18 4.64 -25.31
CA TYR B 175 1.47 4.06 -25.10
C TYR B 175 1.63 2.81 -25.91
N GLY B 176 2.85 2.63 -26.42
CA GLY B 176 3.27 1.39 -27.09
C GLY B 176 3.13 0.16 -26.21
N ASN B 177 2.63 -0.94 -26.83
CA ASN B 177 2.56 -2.29 -26.29
C ASN B 177 1.28 -2.61 -25.45
N ILE B 178 0.38 -1.65 -25.34
CA ILE B 178 -0.91 -1.85 -24.70
C ILE B 178 -1.95 -2.04 -25.80
N GLU B 179 -2.81 -3.06 -25.64
CA GLU B 179 -4.12 -3.17 -26.39
C GLU B 179 -5.13 -2.29 -25.77
N TYR B 180 -5.50 -1.21 -26.44
CA TYR B 180 -6.59 -0.39 -26.01
C TYR B 180 -7.86 -0.91 -26.73
N MET B 181 -8.80 -1.42 -25.93
CA MET B 181 -10.01 -2.05 -26.49
C MET B 181 -11.06 -1.01 -26.51
N ARG B 182 -11.36 -0.46 -27.68
CA ARG B 182 -12.25 0.73 -27.73
C ARG B 182 -13.69 0.38 -27.31
N CYS B 183 -14.37 1.34 -26.68
CA CYS B 183 -15.66 1.17 -26.06
C CYS B 183 -16.48 2.43 -26.35
N THR B 184 -17.49 2.33 -27.21
CA THR B 184 -18.08 3.51 -27.88
C THR B 184 -19.58 3.27 -27.95
N PRO B 185 -20.39 4.34 -28.12
CA PRO B 185 -21.77 4.29 -28.56
C PRO B 185 -22.07 3.23 -29.65
N GLU B 186 -21.31 3.24 -30.73
CA GLU B 186 -21.44 2.28 -31.86
C GLU B 186 -21.24 0.80 -31.52
N ASN B 187 -20.54 0.47 -30.42
CA ASN B 187 -20.49 -0.95 -29.92
C ASN B 187 -21.16 -1.09 -28.51
N GLY B 188 -21.97 -0.14 -28.14
CA GLY B 188 -22.56 -0.15 -26.82
C GLY B 188 -21.51 -0.38 -25.73
N PHE B 189 -20.36 0.29 -25.85
CA PHE B 189 -19.28 0.31 -24.84
C PHE B 189 -18.76 -1.04 -24.41
N PHE B 190 -18.67 -1.99 -25.32
CA PHE B 190 -18.05 -3.31 -24.99
C PHE B 190 -17.12 -3.56 -26.19
N PRO B 191 -15.88 -4.04 -25.92
CA PRO B 191 -15.00 -4.32 -27.07
C PRO B 191 -15.64 -5.32 -28.06
N ASP B 192 -15.47 -5.06 -29.36
CA ASP B 192 -15.62 -6.04 -30.38
C ASP B 192 -14.35 -6.89 -30.22
N LEU B 193 -14.46 -7.97 -29.46
CA LEU B 193 -13.35 -8.93 -29.18
C LEU B 193 -12.62 -9.63 -30.35
N SER B 194 -13.23 -9.66 -31.56
CA SER B 194 -12.59 -10.34 -32.75
C SER B 194 -11.62 -9.40 -33.36
N THR B 195 -11.68 -8.13 -32.94
CA THR B 195 -10.68 -7.10 -33.28
C THR B 195 -9.54 -6.88 -32.24
N VAL B 196 -9.58 -7.59 -31.13
CA VAL B 196 -8.72 -7.33 -29.99
C VAL B 196 -7.52 -8.28 -29.98
N GLY B 197 -6.27 -7.77 -29.93
CA GLY B 197 -5.10 -8.65 -30.11
C GLY B 197 -4.79 -9.41 -28.83
N ARG B 198 -4.05 -10.51 -28.83
CA ARG B 198 -3.82 -11.14 -27.52
C ARG B 198 -2.91 -10.33 -26.55
N THR B 199 -3.25 -10.31 -25.27
CA THR B 199 -2.35 -9.76 -24.25
C THR B 199 -2.24 -10.80 -23.16
N ASP B 200 -1.37 -10.55 -22.18
CA ASP B 200 -1.29 -11.47 -21.09
C ASP B 200 -2.44 -11.16 -20.09
N ILE B 201 -2.63 -9.88 -19.79
CA ILE B 201 -3.61 -9.42 -18.82
C ILE B 201 -4.68 -8.57 -19.54
N ILE B 202 -5.93 -8.66 -19.06
CA ILE B 202 -7.00 -7.80 -19.55
C ILE B 202 -7.62 -7.13 -18.35
N PHE B 203 -7.45 -5.81 -18.24
CA PHE B 203 -8.09 -5.08 -17.20
C PHE B 203 -9.45 -4.74 -17.67
N PHE B 204 -10.42 -5.13 -16.86
CA PHE B 204 -11.83 -4.89 -17.22
C PHE B 204 -12.72 -4.42 -16.03
N CYS B 205 -13.26 -3.24 -16.21
CA CYS B 205 -14.01 -2.61 -15.18
C CYS B 205 -15.49 -2.54 -15.61
N SER B 206 -16.36 -3.24 -14.87
CA SER B 206 -17.80 -3.08 -15.00
C SER B 206 -18.52 -3.05 -13.63
N PRO B 207 -19.49 -2.13 -13.38
CA PRO B 207 -19.91 -0.97 -14.18
C PRO B 207 -18.66 -0.14 -14.40
N ASN B 208 -18.42 0.28 -15.64
CA ASN B 208 -17.21 0.99 -16.01
C ASN B 208 -17.12 2.48 -15.58
N ASN B 209 -15.87 2.89 -15.38
CA ASN B 209 -15.41 4.27 -15.14
C ASN B 209 -14.39 4.62 -16.27
N PRO B 210 -14.71 5.64 -17.07
CA PRO B 210 -15.74 6.70 -17.01
C PRO B 210 -17.16 6.51 -17.60
N THR B 211 -17.39 5.46 -18.36
CA THR B 211 -18.60 5.38 -19.16
C THR B 211 -19.88 5.03 -18.38
N GLY B 212 -19.77 4.32 -17.26
CA GLY B 212 -20.93 3.87 -16.49
C GLY B 212 -21.53 2.55 -17.01
N ALA B 213 -20.95 2.03 -18.10
CA ALA B 213 -21.41 0.83 -18.80
C ALA B 213 -21.06 -0.47 -18.11
N ALA B 214 -22.08 -1.32 -18.00
CA ALA B 214 -21.95 -2.56 -17.28
C ALA B 214 -22.14 -3.65 -18.31
N ALA B 215 -21.16 -4.54 -18.39
CA ALA B 215 -21.18 -5.68 -19.26
C ALA B 215 -22.40 -6.58 -18.86
N THR B 216 -22.97 -7.12 -19.93
CA THR B 216 -24.07 -8.05 -19.94
C THR B 216 -23.54 -9.44 -19.53
N ARG B 217 -24.43 -10.36 -19.20
CA ARG B 217 -24.04 -11.75 -18.96
C ARG B 217 -23.48 -12.41 -20.19
N GLU B 218 -23.96 -12.02 -21.37
CA GLU B 218 -23.48 -12.62 -22.64
C GLU B 218 -22.16 -11.99 -23.10
N GLN B 219 -22.00 -10.69 -22.87
CA GLN B 219 -20.68 -10.03 -23.06
C GLN B 219 -19.59 -10.56 -22.14
N LEU B 220 -19.88 -10.79 -20.86
CA LEU B 220 -18.92 -11.30 -19.93
C LEU B 220 -18.48 -12.74 -20.26
N THR B 221 -19.44 -13.52 -20.81
CA THR B 221 -19.24 -14.89 -21.32
C THR B 221 -18.34 -14.81 -22.55
N GLN B 222 -18.65 -13.89 -23.45
CA GLN B 222 -17.73 -13.63 -24.56
C GLN B 222 -16.30 -13.36 -24.06
N LEU B 223 -16.13 -12.48 -23.07
CA LEU B 223 -14.81 -12.11 -22.47
C LEU B 223 -14.00 -13.25 -21.84
N VAL B 224 -14.65 -14.05 -20.98
CA VAL B 224 -14.09 -15.26 -20.46
C VAL B 224 -13.70 -16.25 -21.55
N GLU B 225 -14.54 -16.36 -22.60
CA GLU B 225 -14.27 -17.35 -23.63
C GLU B 225 -13.02 -16.83 -24.40
N PHE B 226 -12.95 -15.51 -24.61
CA PHE B 226 -11.77 -14.87 -25.22
C PHE B 226 -10.49 -15.03 -24.31
N ALA B 227 -10.54 -14.61 -23.04
CA ALA B 227 -9.43 -14.97 -22.11
C ALA B 227 -9.07 -16.45 -22.18
N LYS B 228 -10.07 -17.34 -22.22
CA LYS B 228 -9.77 -18.83 -22.31
C LYS B 228 -8.96 -19.21 -23.57
N LYS B 229 -9.37 -18.76 -24.75
CA LYS B 229 -8.59 -19.14 -25.93
C LYS B 229 -7.25 -18.39 -26.01
N ASN B 230 -7.23 -17.10 -25.65
CA ASN B 230 -5.97 -16.39 -25.64
C ASN B 230 -5.01 -16.80 -24.52
N GLY B 231 -5.47 -17.60 -23.53
CA GLY B 231 -4.67 -17.90 -22.37
C GLY B 231 -4.34 -16.66 -21.49
N SER B 232 -5.28 -15.68 -21.39
CA SER B 232 -5.13 -14.50 -20.62
C SER B 232 -5.71 -14.53 -19.19
N ILE B 233 -5.24 -13.56 -18.40
CA ILE B 233 -5.80 -13.26 -17.11
C ILE B 233 -6.67 -12.02 -17.18
N ILE B 234 -7.96 -12.16 -16.82
CA ILE B 234 -8.82 -10.96 -16.57
C ILE B 234 -8.70 -10.38 -15.15
N VAL B 235 -8.42 -9.09 -15.05
CA VAL B 235 -8.48 -8.42 -13.78
C VAL B 235 -9.77 -7.67 -13.86
N TYR B 236 -10.77 -8.23 -13.14
CA TYR B 236 -12.12 -7.65 -13.17
C TYR B 236 -12.34 -6.67 -12.02
N ASP B 237 -12.74 -5.45 -12.32
CA ASP B 237 -12.86 -4.37 -11.34
C ASP B 237 -14.35 -4.10 -11.06
N SER B 238 -14.80 -4.63 -9.93
CA SER B 238 -16.24 -4.52 -9.56
C SER B 238 -16.50 -3.35 -8.58
N ALA B 239 -15.57 -2.39 -8.52
CA ALA B 239 -15.73 -1.29 -7.62
C ALA B 239 -17.15 -0.67 -7.63
N TYR B 240 -17.85 -0.63 -8.79
CA TYR B 240 -19.20 0.02 -8.89
C TYR B 240 -20.40 -0.91 -8.91
N ALA B 241 -20.15 -2.20 -8.60
CA ALA B 241 -21.12 -3.29 -8.78
C ALA B 241 -22.37 -3.03 -7.98
N MET B 242 -22.24 -2.36 -6.83
CA MET B 242 -23.42 -2.17 -5.93
C MET B 242 -24.42 -1.13 -6.49
N TYR B 243 -23.98 -0.37 -7.50
CA TYR B 243 -24.85 0.56 -8.25
C TYR B 243 -25.64 -0.14 -9.40
N MET B 244 -25.39 -1.44 -9.67
CA MET B 244 -26.20 -2.10 -10.70
C MET B 244 -27.73 -1.97 -10.46
N SER B 245 -28.42 -1.61 -11.55
CA SER B 245 -29.85 -1.60 -11.66
C SER B 245 -30.31 -2.65 -12.67
N ASP B 246 -29.71 -2.69 -13.87
CA ASP B 246 -30.05 -3.71 -14.85
C ASP B 246 -29.70 -5.05 -14.26
N ASP B 247 -30.28 -6.08 -14.85
CA ASP B 247 -30.02 -7.43 -14.34
C ASP B 247 -28.77 -7.97 -15.00
N ASN B 248 -27.62 -7.58 -14.48
CA ASN B 248 -26.32 -7.94 -15.04
C ASN B 248 -25.50 -8.54 -13.95
N PRO B 249 -24.58 -9.46 -14.27
CA PRO B 249 -23.68 -10.03 -13.21
C PRO B 249 -22.87 -8.95 -12.51
N ARG B 250 -22.80 -9.04 -11.19
CA ARG B 250 -22.03 -8.12 -10.36
C ARG B 250 -20.61 -8.62 -10.10
N SER B 251 -20.37 -9.91 -10.44
CA SER B 251 -19.07 -10.56 -10.30
C SER B 251 -18.77 -11.37 -11.55
N ILE B 252 -17.51 -11.37 -11.89
CA ILE B 252 -17.04 -12.15 -13.03
C ILE B 252 -17.23 -13.66 -12.73
N PHE B 253 -17.30 -13.99 -11.44
CA PHE B 253 -17.29 -15.40 -11.03
C PHE B 253 -18.62 -16.05 -11.27
N GLU B 254 -19.57 -15.21 -11.70
CA GLU B 254 -20.89 -15.61 -12.18
C GLU B 254 -20.88 -16.28 -13.54
N ILE B 255 -19.74 -16.12 -14.27
CA ILE B 255 -19.51 -16.73 -15.59
C ILE B 255 -18.80 -18.08 -15.39
N PRO B 256 -19.49 -19.21 -15.67
CA PRO B 256 -18.75 -20.51 -15.54
C PRO B 256 -17.44 -20.51 -16.36
N GLY B 257 -16.33 -21.00 -15.76
CA GLY B 257 -15.02 -20.88 -16.39
C GLY B 257 -14.19 -19.66 -15.97
N ALA B 258 -14.79 -18.60 -15.44
CA ALA B 258 -14.04 -17.46 -14.92
C ALA B 258 -12.94 -17.82 -13.89
N GLU B 259 -13.15 -18.81 -13.02
CA GLU B 259 -12.19 -19.26 -12.07
C GLU B 259 -10.90 -19.79 -12.66
N GLU B 260 -10.83 -20.06 -13.99
CA GLU B 260 -9.61 -20.48 -14.63
C GLU B 260 -8.79 -19.33 -15.31
N VAL B 261 -9.40 -18.17 -15.44
CA VAL B 261 -8.86 -17.09 -16.21
C VAL B 261 -9.09 -15.72 -15.52
N ALA B 262 -9.77 -15.66 -14.36
CA ALA B 262 -10.10 -14.33 -13.74
C ALA B 262 -9.84 -14.16 -12.22
N MET B 263 -9.45 -12.95 -11.86
CA MET B 263 -9.42 -12.51 -10.48
C MET B 263 -10.26 -11.24 -10.48
N GLU B 264 -10.66 -10.78 -9.29
CA GLU B 264 -11.55 -9.64 -9.17
C GLU B 264 -11.07 -8.69 -8.05
N THR B 265 -11.24 -7.42 -8.32
CA THR B 265 -10.74 -6.46 -7.43
C THR B 265 -11.85 -5.51 -7.05
N ALA B 266 -12.04 -5.31 -5.75
CA ALA B 266 -13.11 -4.45 -5.28
C ALA B 266 -12.67 -3.53 -4.17
N SER B 267 -13.59 -2.62 -3.83
CA SER B 267 -13.37 -1.57 -2.84
C SER B 267 -14.64 -1.25 -2.04
N PHE B 268 -14.51 -1.06 -0.72
CA PHE B 268 -15.59 -0.42 0.04
C PHE B 268 -15.67 1.10 -0.12
N SER B 269 -14.83 1.72 -0.91
CA SER B 269 -14.83 3.16 -0.92
C SER B 269 -16.15 3.74 -1.43
N LYS B 270 -16.79 3.07 -2.38
CA LYS B 270 -17.92 3.76 -3.07
C LYS B 270 -19.32 3.41 -2.51
N TYR B 271 -19.33 2.46 -1.58
CA TYR B 271 -20.52 1.99 -0.88
C TYR B 271 -20.73 2.62 0.52
N ALA B 272 -19.66 2.59 1.35
CA ALA B 272 -19.71 3.21 2.71
C ALA B 272 -19.04 4.59 2.73
N GLY B 273 -18.47 4.99 1.60
CA GLY B 273 -17.74 6.25 1.56
C GLY B 273 -16.37 6.15 2.20
N PHE B 274 -15.79 4.95 2.13
CA PHE B 274 -14.47 4.65 2.76
C PHE B 274 -13.26 5.33 2.12
N THR B 275 -13.51 6.29 1.25
CA THR B 275 -12.48 6.85 0.40
C THR B 275 -11.25 7.36 1.19
N GLY B 276 -11.54 7.98 2.35
CA GLY B 276 -10.49 8.48 3.24
C GLY B 276 -10.15 7.49 4.34
N VAL B 277 -11.01 6.47 4.51
CA VAL B 277 -10.79 5.37 5.49
C VAL B 277 -9.95 4.18 4.98
N ARG B 278 -10.21 3.71 3.74
CA ARG B 278 -9.28 2.81 3.08
C ARG B 278 -9.47 1.30 3.42
N LEU B 279 -10.36 0.64 2.69
CA LEU B 279 -10.55 -0.81 2.75
C LEU B 279 -10.98 -1.40 1.41
N GLY B 280 -10.21 -2.36 0.91
CA GLY B 280 -10.58 -3.11 -0.32
C GLY B 280 -10.34 -4.62 -0.30
N TRP B 281 -10.48 -5.31 -1.43
CA TRP B 281 -10.08 -6.72 -1.44
C TRP B 281 -9.91 -7.12 -2.85
N THR B 282 -9.22 -8.24 -3.01
CA THR B 282 -8.95 -8.81 -4.27
C THR B 282 -9.20 -10.29 -4.11
N VAL B 283 -9.93 -10.84 -5.05
CA VAL B 283 -10.26 -12.31 -5.08
C VAL B 283 -9.53 -13.07 -6.18
N ILE B 284 -8.74 -14.04 -5.78
CA ILE B 284 -8.08 -14.89 -6.73
C ILE B 284 -8.48 -16.36 -6.55
N PRO B 285 -9.19 -16.97 -7.53
CA PRO B 285 -9.60 -18.33 -7.38
C PRO B 285 -8.41 -19.31 -7.43
N LYS B 286 -8.61 -20.50 -6.85
CA LYS B 286 -7.70 -21.67 -6.81
C LYS B 286 -7.29 -22.22 -8.16
N LYS B 287 -8.19 -22.20 -9.13
CA LYS B 287 -7.88 -22.70 -10.45
C LYS B 287 -7.13 -21.70 -11.40
N LEU B 288 -6.87 -20.49 -10.94
CA LEU B 288 -6.12 -19.52 -11.78
C LEU B 288 -4.60 -19.85 -11.72
N LEU B 289 -4.04 -20.38 -12.82
CA LEU B 289 -2.66 -20.81 -12.87
C LEU B 289 -1.89 -20.11 -13.99
N TYR B 290 -0.58 -20.07 -13.78
CA TYR B 290 0.35 -19.56 -14.79
C TYR B 290 0.66 -20.72 -15.78
N SER B 291 1.32 -20.41 -16.91
CA SER B 291 1.59 -21.41 -18.00
C SER B 291 2.39 -22.58 -17.52
N ASP B 292 3.09 -22.46 -16.40
CA ASP B 292 3.79 -23.63 -15.81
C ASP B 292 2.97 -24.31 -14.74
N GLY B 293 1.72 -23.94 -14.55
CA GLY B 293 0.92 -24.64 -13.58
C GLY B 293 0.95 -24.02 -12.20
N PHE B 294 1.75 -22.98 -12.02
CA PHE B 294 1.86 -22.33 -10.74
C PHE B 294 0.66 -21.43 -10.45
N PRO B 295 0.12 -21.56 -9.21
CA PRO B 295 -1.01 -20.79 -8.71
C PRO B 295 -0.77 -19.31 -8.54
N VAL B 296 -1.47 -18.51 -9.32
CA VAL B 296 -1.31 -17.09 -9.23
C VAL B 296 -1.45 -16.58 -7.77
N ALA B 297 -2.45 -17.09 -7.04
CA ALA B 297 -2.74 -16.71 -5.67
C ALA B 297 -1.53 -16.80 -4.73
N LYS B 298 -0.74 -17.85 -4.88
CA LYS B 298 0.51 -18.03 -4.19
C LYS B 298 1.52 -16.95 -4.43
N ASP B 299 1.67 -16.50 -5.68
CA ASP B 299 2.58 -15.36 -5.87
C ASP B 299 2.01 -14.09 -5.16
N PHE B 300 0.75 -13.80 -5.41
CA PHE B 300 0.01 -12.79 -4.70
C PHE B 300 0.14 -12.87 -3.18
N ASN B 301 0.01 -14.05 -2.59
CA ASN B 301 0.18 -14.12 -1.18
C ASN B 301 1.60 -13.70 -0.71
N ARG B 302 2.59 -14.20 -1.42
CA ARG B 302 4.01 -13.74 -1.28
C ARG B 302 4.23 -12.23 -1.38
N ILE B 303 3.68 -11.53 -2.36
CA ILE B 303 3.67 -10.04 -2.46
C ILE B 303 3.06 -9.37 -1.26
N ILE B 304 1.83 -9.74 -0.92
CA ILE B 304 1.09 -9.06 0.12
C ILE B 304 1.87 -9.28 1.41
N CYS B 305 2.63 -10.35 1.52
CA CYS B 305 3.35 -10.67 2.77
C CYS B 305 4.62 -9.93 3.00
N THR B 306 5.24 -9.56 1.90
CA THR B 306 6.52 -8.94 1.99
C THR B 306 6.51 -7.40 1.70
N CYS B 307 5.47 -6.91 1.00
CA CYS B 307 5.41 -5.55 0.41
C CYS B 307 4.23 -4.69 0.91
N PHE B 308 3.50 -5.22 1.90
CA PHE B 308 2.29 -4.66 2.58
C PHE B 308 2.24 -5.23 4.03
N ASN B 309 1.51 -4.59 4.95
CA ASN B 309 1.51 -5.06 6.41
C ASN B 309 0.07 -5.21 6.92
N GLY B 310 -0.89 -5.12 5.97
CA GLY B 310 -2.34 -5.27 6.21
C GLY B 310 -3.14 -3.96 6.23
N ALA B 311 -4.36 -4.00 5.68
CA ALA B 311 -5.37 -2.99 6.05
C ALA B 311 -5.35 -2.77 7.59
N SER B 312 -5.75 -1.57 7.99
CA SER B 312 -5.90 -1.15 9.38
C SER B 312 -6.97 -1.94 10.13
N ASN B 313 -6.63 -2.35 11.34
CA ASN B 313 -7.60 -3.02 12.23
C ASN B 313 -8.93 -2.24 12.39
N ILE B 314 -8.87 -0.91 12.48
CA ILE B 314 -10.04 -0.03 12.59
C ILE B 314 -10.90 0.00 11.33
N SER B 315 -10.26 0.04 10.17
CA SER B 315 -10.93 -0.11 8.85
C SER B 315 -11.60 -1.46 8.66
N GLN B 316 -10.88 -2.53 9.04
CA GLN B 316 -11.42 -3.87 9.05
C GLN B 316 -12.65 -4.03 9.92
N ALA B 317 -12.62 -3.40 11.09
CA ALA B 317 -13.76 -3.39 12.00
C ALA B 317 -14.92 -2.64 11.40
N GLY B 318 -14.62 -1.59 10.62
CA GLY B 318 -15.64 -0.89 9.89
C GLY B 318 -16.18 -1.76 8.84
N ALA B 319 -15.31 -2.45 8.06
CA ALA B 319 -15.80 -3.23 6.93
C ALA B 319 -16.70 -4.36 7.44
N LEU B 320 -16.34 -4.97 8.55
CA LEU B 320 -17.09 -6.02 9.17
C LEU B 320 -18.47 -5.51 9.60
N ALA B 321 -18.57 -4.27 10.08
CA ALA B 321 -19.87 -3.74 10.46
C ALA B 321 -20.71 -3.53 9.23
N CYS B 322 -20.11 -3.27 8.08
CA CYS B 322 -20.92 -3.12 6.86
C CYS B 322 -21.62 -4.41 6.43
N LEU B 323 -20.96 -5.52 6.65
CA LEU B 323 -21.49 -6.76 6.13
C LEU B 323 -22.42 -7.42 7.17
N THR B 324 -23.52 -6.76 7.43
CA THR B 324 -24.50 -7.11 8.44
C THR B 324 -25.75 -6.48 7.88
N PRO B 325 -26.93 -6.90 8.39
CA PRO B 325 -28.18 -6.29 7.93
C PRO B 325 -28.24 -4.76 7.98
N GLU B 326 -27.91 -4.15 9.13
CA GLU B 326 -27.80 -2.69 9.34
C GLU B 326 -26.73 -2.08 8.44
N GLY B 327 -25.56 -2.73 8.34
CA GLY B 327 -24.47 -2.33 7.48
C GLY B 327 -25.04 -2.26 6.10
N LEU B 328 -25.60 -3.37 5.64
CA LEU B 328 -26.06 -3.43 4.27
C LEU B 328 -27.20 -2.50 4.00
N GLU B 329 -28.04 -2.36 5.00
CA GLU B 329 -29.11 -1.36 4.94
C GLU B 329 -28.61 0.09 4.73
N ALA B 330 -27.57 0.43 5.49
CA ALA B 330 -26.91 1.77 5.41
C ALA B 330 -26.29 2.08 3.99
N MET B 331 -25.61 1.10 3.41
CA MET B 331 -24.96 1.19 2.14
C MET B 331 -25.95 1.36 0.99
N HIS B 332 -27.03 0.59 1.06
CA HIS B 332 -28.13 0.70 0.11
C HIS B 332 -28.76 2.09 0.08
N LYS B 333 -28.96 2.66 1.24
CA LYS B 333 -29.54 3.99 1.47
C LYS B 333 -28.53 5.02 0.87
N VAL B 334 -27.21 4.87 1.10
CA VAL B 334 -26.30 5.80 0.48
C VAL B 334 -26.18 5.58 -1.03
N ILE B 335 -26.07 4.33 -1.50
CA ILE B 335 -26.04 4.05 -2.95
C ILE B 335 -27.24 4.67 -3.56
N GLY B 336 -28.37 4.53 -2.87
CA GLY B 336 -29.65 5.15 -3.30
C GLY B 336 -29.62 6.65 -3.34
N PHE B 337 -28.82 7.25 -2.49
CA PHE B 337 -28.88 8.68 -2.49
C PHE B 337 -28.22 9.17 -3.82
N TYR B 338 -27.06 8.57 -4.07
CA TYR B 338 -26.27 8.91 -5.19
C TYR B 338 -26.87 8.47 -6.49
N LYS B 339 -27.62 7.37 -6.46
CA LYS B 339 -28.41 6.95 -7.67
C LYS B 339 -29.52 7.95 -7.96
N GLU B 340 -30.20 8.45 -6.95
CA GLU B 340 -31.09 9.58 -7.19
C GLU B 340 -30.28 10.83 -7.72
N ASN B 341 -29.24 11.30 -7.04
CA ASN B 341 -28.37 12.30 -7.76
C ASN B 341 -28.11 12.06 -9.24
N THR B 342 -27.84 10.81 -9.63
CA THR B 342 -27.46 10.57 -11.02
C THR B 342 -28.65 10.61 -12.00
N ASN B 343 -29.86 10.20 -11.57
CA ASN B 343 -31.04 10.37 -12.43
C ASN B 343 -31.32 11.81 -12.75
N ILE B 344 -31.14 12.68 -11.75
CA ILE B 344 -31.32 14.12 -11.93
C ILE B 344 -30.30 14.66 -12.98
N ILE B 345 -29.02 14.24 -12.90
CA ILE B 345 -28.03 14.57 -13.92
C ILE B 345 -28.41 14.13 -15.32
N ILE B 346 -28.76 12.87 -15.50
CA ILE B 346 -29.36 12.33 -16.75
C ILE B 346 -30.62 13.12 -17.24
N ASP B 347 -31.62 13.26 -16.37
CA ASP B 347 -32.81 14.04 -16.77
C ASP B 347 -32.39 15.35 -17.47
N THR B 348 -31.55 16.12 -16.77
CA THR B 348 -31.14 17.41 -17.26
C THR B 348 -30.29 17.41 -18.55
N PHE B 349 -29.34 16.49 -18.71
CA PHE B 349 -28.67 16.55 -19.97
C PHE B 349 -29.53 16.14 -21.13
N THR B 350 -30.48 15.25 -20.84
CA THR B 350 -31.34 14.59 -21.82
C THR B 350 -32.40 15.61 -22.31
N SER B 351 -33.03 16.28 -21.35
CA SER B 351 -33.94 17.40 -21.60
C SER B 351 -33.30 18.55 -22.40
N LEU B 352 -31.98 18.47 -22.60
CA LEU B 352 -31.19 19.55 -23.20
C LEU B 352 -30.66 19.08 -24.59
N GLY B 353 -31.00 17.85 -24.95
CA GLY B 353 -30.71 17.34 -26.25
C GLY B 353 -29.47 16.50 -26.43
N TYR B 354 -28.70 16.19 -25.37
CA TYR B 354 -27.45 15.48 -25.64
C TYR B 354 -27.58 14.00 -25.65
N ASP B 355 -26.61 13.39 -26.29
CA ASP B 355 -26.33 11.97 -26.05
C ASP B 355 -25.69 11.77 -24.63
N VAL B 356 -26.39 11.09 -23.75
CA VAL B 356 -25.97 10.85 -22.40
C VAL B 356 -25.98 9.33 -22.15
N TYR B 357 -24.82 8.78 -21.79
CA TYR B 357 -24.55 7.37 -21.62
C TYR B 357 -24.28 7.09 -20.14
N GLY B 358 -24.34 5.81 -19.74
CA GLY B 358 -24.22 5.40 -18.34
C GLY B 358 -25.29 6.01 -17.42
N GLY B 359 -24.88 6.35 -16.20
CA GLY B 359 -25.85 6.74 -15.17
C GLY B 359 -27.06 5.88 -14.87
N LYS B 360 -27.04 4.61 -15.34
CA LYS B 360 -28.05 3.58 -15.05
C LYS B 360 -27.48 2.58 -14.00
N ASN B 361 -26.23 2.19 -14.23
CA ASN B 361 -25.57 1.23 -13.38
C ASN B 361 -24.34 1.75 -12.64
N ALA B 362 -24.20 3.07 -12.56
CA ALA B 362 -23.01 3.69 -12.08
C ALA B 362 -23.33 5.15 -11.65
N PRO B 363 -22.52 5.72 -10.78
CA PRO B 363 -22.72 7.12 -10.32
C PRO B 363 -22.07 8.18 -11.27
N TYR B 364 -21.93 7.80 -12.52
CA TYR B 364 -21.24 8.62 -13.51
C TYR B 364 -22.15 8.82 -14.71
N VAL B 365 -22.34 10.06 -15.19
CA VAL B 365 -22.85 10.17 -16.56
C VAL B 365 -21.76 10.53 -17.64
N TRP B 366 -21.86 9.86 -18.79
CA TRP B 366 -20.92 9.98 -19.89
C TRP B 366 -21.55 10.82 -21.05
N VAL B 367 -21.31 12.16 -21.09
CA VAL B 367 -22.07 13.05 -22.04
C VAL B 367 -21.24 13.34 -23.27
N HIS B 368 -21.88 13.14 -24.41
CA HIS B 368 -21.22 13.27 -25.72
C HIS B 368 -21.37 14.74 -26.12
N PHE B 369 -20.26 15.32 -26.53
CA PHE B 369 -20.14 16.69 -26.96
C PHE B 369 -19.38 16.51 -28.26
N PRO B 370 -20.12 16.13 -29.32
CA PRO B 370 -19.38 15.93 -30.55
C PRO B 370 -18.86 17.27 -31.19
N ASN B 371 -17.83 17.09 -32.03
CA ASN B 371 -17.17 18.11 -32.82
C ASN B 371 -16.26 19.06 -31.93
N GLN B 372 -16.22 18.80 -30.59
CA GLN B 372 -15.36 19.49 -29.61
C GLN B 372 -14.32 18.54 -28.93
N SER B 373 -13.20 19.09 -28.42
CA SER B 373 -12.25 18.32 -27.60
C SER B 373 -12.87 18.41 -26.23
N SER B 374 -12.69 17.37 -25.44
CA SER B 374 -13.23 17.31 -24.08
C SER B 374 -12.57 18.32 -23.09
N TRP B 375 -11.27 18.53 -23.26
CA TRP B 375 -10.56 19.63 -22.58
C TRP B 375 -11.14 20.98 -22.81
N ASP B 376 -11.69 21.27 -23.99
CA ASP B 376 -12.36 22.52 -24.21
C ASP B 376 -13.68 22.56 -23.63
N VAL B 377 -14.39 21.43 -23.70
CA VAL B 377 -15.76 21.39 -23.08
C VAL B 377 -15.67 21.57 -21.57
N PHE B 378 -14.57 21.03 -21.05
CA PHE B 378 -14.24 21.09 -19.67
C PHE B 378 -13.91 22.50 -19.31
N ALA B 379 -12.99 23.11 -20.05
CA ALA B 379 -12.59 24.53 -19.88
C ALA B 379 -13.77 25.50 -20.01
N GLU B 380 -14.69 25.15 -20.90
CA GLU B 380 -15.91 25.93 -21.15
C GLU B 380 -16.88 25.83 -20.04
N ILE B 381 -17.13 24.59 -19.59
CA ILE B 381 -18.08 24.36 -18.50
C ILE B 381 -17.49 25.07 -17.27
N LEU B 382 -16.21 24.80 -17.01
CA LEU B 382 -15.53 25.32 -15.82
C LEU B 382 -15.55 26.85 -15.83
N GLU B 383 -15.02 27.45 -16.90
CA GLU B 383 -15.08 28.90 -17.12
C GLU B 383 -16.44 29.53 -16.81
N LYS B 384 -17.49 28.99 -17.43
CA LYS B 384 -18.74 29.69 -17.56
C LYS B 384 -19.88 29.27 -16.63
N THR B 385 -19.71 28.16 -15.87
CA THR B 385 -20.78 27.63 -14.94
C THR B 385 -20.23 27.49 -13.51
N HIS B 386 -18.90 27.49 -13.42
CA HIS B 386 -18.13 27.19 -12.20
C HIS B 386 -18.28 25.75 -11.68
N VAL B 387 -18.67 24.85 -12.59
CA VAL B 387 -18.73 23.41 -12.36
C VAL B 387 -17.53 22.69 -12.92
N VAL B 388 -16.81 21.91 -12.07
CA VAL B 388 -15.70 21.04 -12.57
C VAL B 388 -16.18 19.63 -13.08
N THR B 389 -15.83 19.27 -14.31
CA THR B 389 -16.22 17.99 -14.82
C THR B 389 -14.89 17.24 -14.97
N THR B 390 -14.91 16.15 -15.74
CA THR B 390 -13.70 15.46 -16.06
C THR B 390 -13.61 15.28 -17.59
N PRO B 391 -12.56 15.83 -18.23
CA PRO B 391 -12.65 15.70 -19.69
C PRO B 391 -12.51 14.23 -20.04
N GLY B 392 -13.22 13.75 -21.04
CA GLY B 392 -13.22 12.37 -21.42
C GLY B 392 -11.87 11.92 -21.87
N SER B 393 -11.19 12.84 -22.54
CA SER B 393 -9.78 12.59 -22.99
C SER B 393 -8.77 12.27 -21.89
N GLY B 394 -9.00 12.72 -20.64
CA GLY B 394 -8.12 12.30 -19.53
C GLY B 394 -8.17 10.77 -19.33
N PHE B 395 -9.18 10.12 -19.91
CA PHE B 395 -9.26 8.69 -19.71
C PHE B 395 -8.77 7.88 -20.88
N GLY B 396 -8.10 8.50 -21.84
CA GLY B 396 -7.58 7.74 -23.00
C GLY B 396 -8.18 8.39 -24.24
N PRO B 397 -7.63 8.06 -25.44
CA PRO B 397 -8.17 8.58 -26.74
C PRO B 397 -9.69 8.32 -26.99
N GLY B 398 -10.23 7.20 -26.56
CA GLY B 398 -11.63 6.98 -26.76
C GLY B 398 -12.80 7.48 -25.92
N GLY B 399 -12.72 8.13 -24.77
CA GLY B 399 -12.02 9.30 -24.41
C GLY B 399 -12.68 10.54 -24.96
N GLU B 400 -12.15 10.92 -26.11
CA GLU B 400 -12.44 12.09 -26.91
C GLU B 400 -13.80 11.88 -27.61
N GLY B 401 -14.68 12.87 -27.64
CA GLY B 401 -14.74 14.00 -26.80
C GLY B 401 -16.04 13.72 -26.08
N PHE B 402 -15.92 13.08 -24.92
CA PHE B 402 -17.06 13.01 -24.00
C PHE B 402 -16.63 13.82 -22.81
N VAL B 403 -17.56 14.19 -21.94
CA VAL B 403 -17.13 14.56 -20.61
C VAL B 403 -17.85 13.75 -19.58
N ARG B 404 -17.16 13.46 -18.49
CA ARG B 404 -17.79 12.71 -17.41
C ARG B 404 -18.29 13.63 -16.30
N VAL B 405 -19.55 13.42 -15.89
CA VAL B 405 -20.10 14.13 -14.80
C VAL B 405 -20.38 13.14 -13.63
N SER B 406 -19.77 13.40 -12.49
CA SER B 406 -19.94 12.62 -11.29
C SER B 406 -21.21 13.03 -10.59
N ALA B 407 -21.83 12.07 -9.91
CA ALA B 407 -23.07 12.27 -9.15
C ALA B 407 -22.84 12.30 -7.63
N PHE B 408 -21.59 12.24 -7.21
CA PHE B 408 -21.27 12.40 -5.81
C PHE B 408 -21.18 13.89 -5.47
N GLY B 409 -22.14 14.35 -4.66
CA GLY B 409 -22.13 15.61 -3.92
C GLY B 409 -23.43 15.76 -3.09
N HIS B 410 -23.63 16.88 -2.41
CA HIS B 410 -24.89 17.02 -1.66
C HIS B 410 -25.96 17.27 -2.66
N ARG B 411 -27.17 16.90 -2.30
CA ARG B 411 -28.30 17.06 -3.19
C ARG B 411 -28.40 18.50 -3.75
N GLU B 412 -28.30 19.50 -2.87
CA GLU B 412 -28.47 20.90 -3.29
C GLU B 412 -27.45 21.25 -4.31
N ASN B 413 -26.23 20.75 -4.11
CA ASN B 413 -25.11 20.98 -5.04
C ASN B 413 -25.34 20.46 -6.46
N ILE B 414 -26.07 19.37 -6.57
CA ILE B 414 -26.30 18.64 -7.81
C ILE B 414 -27.36 19.45 -8.54
N LEU B 415 -28.40 19.79 -7.76
CA LEU B 415 -29.54 20.59 -8.19
C LEU B 415 -29.09 21.91 -8.75
N GLU B 416 -28.28 22.61 -7.98
CA GLU B 416 -27.67 23.88 -8.42
C GLU B 416 -26.80 23.75 -9.65
N ALA B 417 -25.99 22.71 -9.73
CA ALA B 417 -25.16 22.50 -10.90
C ALA B 417 -26.04 22.26 -12.14
N CYS B 418 -27.19 21.61 -11.93
CA CYS B 418 -28.09 21.30 -13.00
C CYS B 418 -28.84 22.55 -13.50
N ARG B 419 -29.35 23.40 -12.61
CA ARG B 419 -29.92 24.64 -13.15
C ARG B 419 -28.80 25.41 -13.95
N ARG B 420 -27.57 25.37 -13.44
CA ARG B 420 -26.46 26.01 -14.10
C ARG B 420 -26.17 25.45 -15.50
N PHE B 421 -26.50 24.17 -15.75
CA PHE B 421 -26.20 23.53 -17.06
C PHE B 421 -27.17 24.03 -18.11
N LYS B 422 -28.45 24.12 -17.71
CA LYS B 422 -29.56 24.63 -18.52
C LYS B 422 -29.33 26.08 -19.05
N GLN B 423 -29.12 27.05 -18.14
CA GLN B 423 -28.50 28.34 -18.46
C GLN B 423 -27.58 28.22 -19.63
N LEU B 424 -26.46 27.54 -19.38
CA LEU B 424 -25.37 27.32 -20.33
C LEU B 424 -25.74 26.74 -21.69
N TYR B 425 -26.69 25.78 -21.74
CA TYR B 425 -26.83 24.95 -22.96
C TYR B 425 -28.12 25.15 -23.86
N LYS B 426 -27.94 24.90 -25.18
CA LYS B 426 -28.41 25.85 -26.29
C LYS B 426 -29.36 26.99 -25.96
C1 MLT C . 10.13 -7.56 12.83
O1 MLT C . 11.32 -7.36 12.49
O2 MLT C . 9.90 -8.57 13.51
C2 MLT C . 8.96 -6.62 12.46
O3 MLT C . 9.31 -5.54 11.55
C3 MLT C . 7.79 -7.35 11.78
C4 MLT C . 7.41 -6.83 10.39
O4 MLT C . 7.21 -7.66 9.47
O5 MLT C . 7.27 -5.60 10.20
N1 PLP D . 11.73 -1.51 9.18
C2 PLP D . 12.32 -2.17 10.25
C2A PLP D . 13.81 -2.40 10.27
C3 PLP D . 11.50 -2.62 11.33
O3 PLP D . 11.92 -3.23 12.35
C4 PLP D . 10.12 -2.36 11.30
C4A PLP D . 9.18 -2.77 12.42
C5 PLP D . 9.55 -1.69 10.23
C6 PLP D . 10.39 -1.25 9.16
C5A PLP D . 8.06 -1.55 10.44
O4P PLP D . 7.32 -0.86 9.44
P PLP D . 5.68 -0.76 9.56
O1P PLP D . 5.29 -1.41 8.19
O2P PLP D . 5.35 -1.66 10.76
O3P PLP D . 5.30 0.71 9.79
N1 PLP E . -11.49 1.47 -9.45
C2 PLP E . -12.16 2.49 -10.02
C2A PLP E . -12.34 2.44 -11.52
C3 PLP E . -12.65 3.54 -9.20
O3 PLP E . -13.27 4.54 -9.66
C4 PLP E . -12.42 3.47 -7.79
C4A PLP E . -12.92 4.54 -6.79
C5 PLP E . -11.70 2.38 -7.28
C6 PLP E . -11.25 1.38 -8.12
C5A PLP E . -11.48 2.33 -5.78
O4P PLP E . -10.25 2.93 -5.38
P PLP E . -9.76 2.93 -3.82
O1P PLP E . -10.42 4.25 -3.41
O2P PLP E . -10.33 1.79 -3.00
O3P PLP E . -8.20 2.95 -3.87
#